data_3V7D
#
_entry.id   3V7D
#
_cell.length_a   107.292
_cell.length_b   107.292
_cell.length_c   166.679
_cell.angle_alpha   90.00
_cell.angle_beta   90.00
_cell.angle_gamma   120.00
#
_symmetry.space_group_name_H-M   'P 32'
#
loop_
_entity.id
_entity.type
_entity.pdbx_description
1 polymer 'Suppressor of kinetochore protein 1'
2 polymer 'Cell division control protein 4'
3 polymer 'Protein SIC1'
4 water water
#
loop_
_entity_poly.entity_id
_entity_poly.type
_entity_poly.pdbx_seq_one_letter_code
_entity_poly.pdbx_strand_id
1 'polypeptide(L)'
;GAHMVTSNVVLVSGEGERFTVDKKIAERSLLLKNYLNDMGDDDDEDDDEIVMPVPNVRSSVLQKVIEWAEHHRDSNFPDE
DDDDSRKSAPVDSWDREFLKVDQEMLYEIILAANYLNIKPLLDAGCKVVAEMIRGRSPEEIRRTFNIVNDFTPEEEAAIR
RENEWAEDR
;
A,C
2 'polypeptide(L)'
;GAGTLIKDNLKRDLITSLPFEISLKIFNYLQFEDIINSLGVSQNWNKIIRKSTSLWKKLLISENFVSPKGFNSLNLKLSQ
KYPKLSQQDRLRLSFLENIFILKNWYNPKFVPQRTTLRGHMTSVITCLQFEDNYVITGADDKMIRVYDSINKKFLLQLSG
HDGGVWALKYAHGGILVSGSTDRTVRVWDIKKGCCTHVFEGHNSTVRCLDIVEYKNIKYIVTGSRDNTLHVWKLPKESSV
PDHGEEHDYPLVFHTPEENPYFVGVLRGHMASVRTVSGHGNIVVSGSYDNTLIVWDVAQMKCLYILSGHTDRIYSTIYDH
ERKRCISASMDTTIRIWDLENGELMYTLQGHTALVGLLRLSDKFLVSAAADGSIRGWDANDYSRKFSYHHTNLSAITTFY
VSDNILVSGSENQFNIYNLRSGKLVHANILKDADQIWSVNFKGKTLVAAVEKDGQSFLEILDFS
;
B,D
3 'polypeptide(L)' MT(SEP)PFNGLT(SEP)PQR(SEP)PFPKS E
#
# COMPACT_ATOMS: atom_id res chain seq x y z
N THR A 6 0.21 -30.79 -64.83
CA THR A 6 0.08 -30.55 -63.39
C THR A 6 -0.11 -31.86 -62.64
N SER A 7 0.37 -31.91 -61.40
CA SER A 7 0.34 -33.14 -60.62
C SER A 7 -0.91 -33.28 -59.76
N ASN A 8 -1.18 -34.53 -59.39
CA ASN A 8 -2.29 -34.87 -58.51
C ASN A 8 -1.81 -35.48 -57.21
N VAL A 9 -2.68 -35.49 -56.21
CA VAL A 9 -2.46 -36.31 -55.03
C VAL A 9 -3.60 -37.32 -54.95
N VAL A 10 -3.41 -38.37 -54.16
CA VAL A 10 -4.48 -39.33 -53.90
C VAL A 10 -4.86 -39.30 -52.43
N LEU A 11 -6.14 -39.09 -52.15
CA LEU A 11 -6.66 -39.13 -50.80
C LEU A 11 -7.44 -40.43 -50.60
N VAL A 12 -7.09 -41.19 -49.58
CA VAL A 12 -7.73 -42.48 -49.34
C VAL A 12 -8.74 -42.38 -48.20
N SER A 13 -9.97 -42.78 -48.49
CA SER A 13 -11.03 -42.73 -47.48
C SER A 13 -10.87 -43.87 -46.48
N GLY A 14 -11.62 -43.78 -45.39
CA GLY A 14 -11.61 -44.81 -44.36
C GLY A 14 -12.15 -46.12 -44.87
N GLU A 15 -12.79 -46.10 -46.03
CA GLU A 15 -13.29 -47.32 -46.66
C GLU A 15 -12.29 -47.86 -47.68
N GLY A 16 -11.11 -47.23 -47.75
CA GLY A 16 -10.04 -47.69 -48.60
C GLY A 16 -10.14 -47.23 -50.04
N GLU A 17 -11.04 -46.30 -50.33
CA GLU A 17 -11.23 -45.84 -51.71
C GLU A 17 -10.34 -44.65 -52.05
N ARG A 18 -9.75 -44.72 -53.24
CA ARG A 18 -8.78 -43.74 -53.69
C ARG A 18 -9.44 -42.62 -54.48
N PHE A 19 -9.20 -41.39 -54.03
CA PHE A 19 -9.73 -40.22 -54.71
C PHE A 19 -8.57 -39.40 -55.28
N THR A 20 -8.54 -39.30 -56.60
CA THR A 20 -7.52 -38.50 -57.27
C THR A 20 -8.01 -37.05 -57.40
N VAL A 21 -7.17 -36.11 -57.00
CA VAL A 21 -7.53 -34.70 -57.04
C VAL A 21 -6.29 -33.84 -57.28
N ASP A 22 -6.45 -32.77 -58.07
CA ASP A 22 -5.37 -31.83 -58.35
C ASP A 22 -4.67 -31.37 -57.06
N LYS A 23 -3.34 -31.30 -57.11
CA LYS A 23 -2.54 -31.03 -55.92
C LYS A 23 -2.84 -29.67 -55.30
N LYS A 24 -2.77 -28.61 -56.09
CA LYS A 24 -3.00 -27.27 -55.57
C LYS A 24 -4.42 -27.10 -55.06
N ILE A 25 -5.38 -27.75 -55.72
CA ILE A 25 -6.75 -27.74 -55.25
C ILE A 25 -6.84 -28.44 -53.90
N ALA A 26 -6.16 -29.58 -53.79
CA ALA A 26 -6.20 -30.36 -52.56
C ALA A 26 -5.52 -29.63 -51.41
N GLU A 27 -4.60 -28.72 -51.74
CA GLU A 27 -3.92 -27.95 -50.70
C GLU A 27 -4.85 -26.99 -49.96
N ARG A 28 -6.12 -26.97 -50.36
CA ARG A 28 -7.16 -26.32 -49.58
C ARG A 28 -7.17 -26.92 -48.18
N SER A 29 -6.99 -28.24 -48.12
CA SER A 29 -6.78 -28.92 -46.85
C SER A 29 -5.39 -28.59 -46.32
N LEU A 30 -5.33 -27.89 -45.18
CA LEU A 30 -4.04 -27.51 -44.62
C LEU A 30 -3.29 -28.72 -44.07
N LEU A 31 -4.03 -29.76 -43.71
CA LEU A 31 -3.41 -31.01 -43.30
C LEU A 31 -2.62 -31.61 -44.46
N LEU A 32 -3.25 -31.65 -45.63
CA LEU A 32 -2.63 -32.19 -46.83
C LEU A 32 -1.44 -31.32 -47.25
N LYS A 33 -1.62 -30.01 -47.19
CA LYS A 33 -0.55 -29.08 -47.56
C LYS A 33 0.68 -29.27 -46.68
N ASN A 34 0.48 -29.42 -45.38
CA ASN A 34 1.59 -29.64 -44.46
C ASN A 34 2.17 -31.04 -44.60
N TYR A 35 1.33 -31.98 -45.01
CA TYR A 35 1.77 -33.34 -45.25
C TYR A 35 2.77 -33.38 -46.41
N LEU A 36 2.49 -32.64 -47.46
CA LEU A 36 3.38 -32.57 -48.63
C LEU A 36 4.68 -31.87 -48.27
N ASN A 37 4.57 -30.85 -47.42
CA ASN A 37 5.71 -30.03 -47.04
C ASN A 37 6.71 -30.80 -46.18
N ASP A 38 6.31 -31.95 -45.67
CA ASP A 38 7.16 -32.73 -44.77
C ASP A 38 7.53 -34.08 -45.37
N ILE A 50 1.79 -39.13 -54.91
CA ILE A 50 1.70 -38.98 -53.46
C ILE A 50 0.31 -39.32 -52.93
N VAL A 51 0.28 -40.20 -51.92
CA VAL A 51 -0.95 -40.73 -51.37
C VAL A 51 -1.07 -40.33 -49.91
N MET A 52 -2.16 -39.64 -49.55
CA MET A 52 -2.42 -39.33 -48.15
C MET A 52 -3.68 -40.04 -47.64
N PRO A 53 -3.52 -40.81 -46.56
CA PRO A 53 -4.68 -41.46 -45.93
C PRO A 53 -5.59 -40.45 -45.24
N VAL A 54 -6.89 -40.67 -45.30
CA VAL A 54 -7.86 -39.91 -44.53
C VAL A 54 -8.65 -40.92 -43.70
N PRO A 55 -8.05 -41.39 -42.60
CA PRO A 55 -8.68 -42.46 -41.82
C PRO A 55 -10.00 -42.02 -41.21
N ASN A 56 -10.91 -42.98 -41.06
CA ASN A 56 -12.17 -42.79 -40.35
C ASN A 56 -13.11 -41.75 -40.98
N VAL A 57 -12.91 -41.49 -42.26
CA VAL A 57 -13.81 -40.63 -43.02
C VAL A 57 -14.41 -41.45 -44.17
N ARG A 58 -15.74 -41.59 -44.17
CA ARG A 58 -16.45 -42.34 -45.20
C ARG A 58 -16.16 -41.80 -46.59
N SER A 59 -16.20 -42.68 -47.58
CA SER A 59 -15.97 -42.31 -48.97
C SER A 59 -16.89 -41.19 -49.42
N SER A 60 -18.19 -41.39 -49.22
CA SER A 60 -19.19 -40.42 -49.65
C SER A 60 -18.95 -39.05 -49.02
N VAL A 61 -18.45 -39.04 -47.78
CA VAL A 61 -18.14 -37.81 -47.09
C VAL A 61 -16.91 -37.13 -47.69
N LEU A 62 -15.84 -37.90 -47.87
CA LEU A 62 -14.63 -37.40 -48.51
C LEU A 62 -14.93 -36.89 -49.91
N GLN A 63 -15.83 -37.59 -50.61
CA GLN A 63 -16.18 -37.20 -51.97
C GLN A 63 -16.84 -35.82 -51.98
N LYS A 64 -17.70 -35.57 -51.00
CA LYS A 64 -18.34 -34.26 -50.86
C LYS A 64 -17.29 -33.18 -50.60
N VAL A 65 -16.37 -33.47 -49.68
CA VAL A 65 -15.31 -32.51 -49.33
C VAL A 65 -14.49 -32.11 -50.55
N ILE A 66 -14.16 -33.09 -51.39
CA ILE A 66 -13.41 -32.83 -52.60
C ILE A 66 -14.22 -31.99 -53.59
N GLU A 67 -15.51 -32.30 -53.69
CA GLU A 67 -16.39 -31.58 -54.60
C GLU A 67 -16.43 -30.11 -54.20
N TRP A 68 -16.56 -29.87 -52.89
CA TRP A 68 -16.55 -28.52 -52.35
C TRP A 68 -15.23 -27.83 -52.67
N ALA A 69 -14.12 -28.55 -52.52
CA ALA A 69 -12.80 -27.96 -52.72
C ALA A 69 -12.55 -27.63 -54.20
N GLU A 70 -12.98 -28.52 -55.09
CA GLU A 70 -12.82 -28.27 -56.52
C GLU A 70 -13.70 -27.11 -56.97
N HIS A 71 -14.91 -27.02 -56.44
CA HIS A 71 -15.78 -25.90 -56.75
C HIS A 71 -15.18 -24.57 -56.31
N HIS A 72 -14.55 -24.56 -55.14
CA HIS A 72 -14.02 -23.34 -54.55
C HIS A 72 -12.55 -23.10 -54.87
N ARG A 73 -12.05 -23.75 -55.92
CA ARG A 73 -10.64 -23.66 -56.30
C ARG A 73 -10.11 -22.24 -56.46
N ASP A 74 -10.96 -21.32 -56.92
CA ASP A 74 -10.55 -19.94 -57.14
C ASP A 74 -11.12 -18.99 -56.09
N SER A 75 -11.90 -19.54 -55.16
CA SER A 75 -12.48 -18.77 -54.08
C SER A 75 -11.40 -18.26 -53.13
N ASN A 76 -11.52 -17.01 -52.74
CA ASN A 76 -10.67 -16.45 -51.69
C ASN A 76 -11.53 -16.13 -50.46
N PHE A 77 -11.10 -16.64 -49.32
CA PHE A 77 -11.84 -16.46 -48.09
C PHE A 77 -11.08 -15.59 -47.09
N PRO A 78 -11.79 -14.70 -46.39
CA PRO A 78 -11.25 -14.04 -45.19
C PRO A 78 -10.94 -15.12 -44.16
N ASP A 79 -10.02 -14.87 -43.23
CA ASP A 79 -9.32 -13.60 -43.10
C ASP A 79 -7.81 -13.78 -43.14
N SER A 88 -22.13 -11.26 -39.02
CA SER A 88 -21.32 -12.34 -39.58
C SER A 88 -21.81 -12.75 -40.98
N ALA A 89 -20.86 -12.96 -41.89
CA ALA A 89 -21.15 -13.24 -43.29
C ALA A 89 -22.04 -14.48 -43.50
N PRO A 90 -22.88 -14.47 -44.55
CA PRO A 90 -23.85 -15.54 -44.78
C PRO A 90 -23.38 -16.60 -45.77
N VAL A 91 -24.06 -17.75 -45.76
CA VAL A 91 -23.66 -18.89 -46.60
C VAL A 91 -23.95 -18.67 -48.09
N ASP A 92 -22.92 -18.96 -48.91
CA ASP A 92 -23.01 -18.83 -50.36
C ASP A 92 -24.04 -19.81 -50.90
N SER A 93 -24.78 -19.41 -51.93
CA SER A 93 -25.93 -20.19 -52.39
C SER A 93 -25.58 -21.60 -52.88
N TRP A 94 -24.41 -21.74 -53.49
CA TRP A 94 -23.94 -23.06 -53.90
C TRP A 94 -23.67 -23.93 -52.68
N ASP A 95 -23.06 -23.33 -51.66
CA ASP A 95 -22.74 -24.04 -50.42
C ASP A 95 -24.01 -24.49 -49.71
N ARG A 96 -25.02 -23.64 -49.72
CA ARG A 96 -26.28 -23.93 -49.05
C ARG A 96 -26.95 -25.17 -49.65
N GLU A 97 -26.95 -25.25 -50.97
CA GLU A 97 -27.52 -26.41 -51.66
C GLU A 97 -26.63 -27.64 -51.48
N PHE A 98 -25.32 -27.42 -51.51
CA PHE A 98 -24.33 -28.50 -51.34
C PHE A 98 -24.40 -29.08 -49.92
N LEU A 99 -24.67 -28.24 -48.93
CA LEU A 99 -24.73 -28.69 -47.55
C LEU A 99 -26.16 -29.07 -47.14
N LYS A 100 -27.05 -29.13 -48.12
CA LYS A 100 -28.42 -29.57 -47.87
C LYS A 100 -28.48 -31.11 -47.90
N VAL A 101 -27.99 -31.73 -46.84
CA VAL A 101 -27.92 -33.19 -46.76
C VAL A 101 -28.55 -33.65 -45.45
N ASP A 102 -28.57 -34.96 -45.21
CA ASP A 102 -29.10 -35.46 -43.95
C ASP A 102 -28.13 -35.13 -42.81
N GLN A 103 -28.66 -35.09 -41.58
CA GLN A 103 -27.90 -34.63 -40.43
C GLN A 103 -26.61 -35.42 -40.16
N GLU A 104 -26.66 -36.73 -40.35
CA GLU A 104 -25.47 -37.56 -40.20
C GLU A 104 -24.38 -37.15 -41.17
N MET A 105 -24.75 -36.92 -42.43
CA MET A 105 -23.81 -36.49 -43.44
C MET A 105 -23.24 -35.10 -43.10
N LEU A 106 -24.09 -34.21 -42.62
CA LEU A 106 -23.66 -32.87 -42.27
C LEU A 106 -22.66 -32.92 -41.12
N TYR A 107 -22.98 -33.76 -40.14
CA TYR A 107 -22.10 -34.04 -39.01
C TYR A 107 -20.73 -34.52 -39.48
N GLU A 108 -20.70 -35.48 -40.39
CA GLU A 108 -19.43 -36.05 -40.82
C GLU A 108 -18.64 -35.11 -41.72
N ILE A 109 -19.33 -34.30 -42.51
CA ILE A 109 -18.68 -33.30 -43.35
C ILE A 109 -17.96 -32.29 -42.45
N ILE A 110 -18.62 -31.88 -41.38
CA ILE A 110 -18.04 -30.97 -40.41
C ILE A 110 -16.79 -31.56 -39.74
N LEU A 111 -16.89 -32.83 -39.32
CA LEU A 111 -15.76 -33.53 -38.71
C LEU A 111 -14.58 -33.69 -39.67
N ALA A 112 -14.88 -33.97 -40.94
CA ALA A 112 -13.83 -34.16 -41.93
C ALA A 112 -13.13 -32.85 -42.23
N ALA A 113 -13.91 -31.78 -42.37
CA ALA A 113 -13.36 -30.44 -42.58
C ALA A 113 -12.45 -30.06 -41.41
N ASN A 114 -12.85 -30.45 -40.21
CA ASN A 114 -12.06 -30.15 -39.02
C ASN A 114 -10.76 -30.95 -39.01
N TYR A 115 -10.85 -32.23 -39.37
CA TYR A 115 -9.68 -33.09 -39.44
C TYR A 115 -8.72 -32.62 -40.53
N LEU A 116 -9.27 -32.35 -41.70
CA LEU A 116 -8.47 -31.95 -42.86
C LEU A 116 -8.03 -30.50 -42.76
N ASN A 117 -8.49 -29.80 -41.72
CA ASN A 117 -8.17 -28.39 -41.51
C ASN A 117 -8.59 -27.53 -42.71
N ILE A 118 -9.88 -27.56 -43.02
CA ILE A 118 -10.44 -26.72 -44.06
C ILE A 118 -11.41 -25.76 -43.39
N LYS A 119 -10.87 -24.71 -42.79
CA LYS A 119 -11.67 -23.76 -42.02
C LYS A 119 -12.92 -23.24 -42.75
N PRO A 120 -12.79 -22.78 -44.01
CA PRO A 120 -13.98 -22.23 -44.66
C PRO A 120 -15.10 -23.25 -44.80
N LEU A 121 -14.76 -24.51 -45.04
CA LEU A 121 -15.79 -25.54 -45.15
C LEU A 121 -16.41 -25.80 -43.77
N LEU A 122 -15.55 -25.91 -42.77
CA LEU A 122 -15.99 -26.02 -41.38
C LEU A 122 -16.95 -24.90 -41.02
N ASP A 123 -16.56 -23.67 -41.34
CA ASP A 123 -17.40 -22.51 -41.07
C ASP A 123 -18.77 -22.64 -41.74
N ALA A 124 -18.75 -23.00 -43.03
CA ALA A 124 -19.99 -23.12 -43.80
C ALA A 124 -20.97 -24.11 -43.17
N GLY A 125 -20.46 -25.28 -42.81
CA GLY A 125 -21.26 -26.30 -42.16
C GLY A 125 -21.87 -25.82 -40.85
N CYS A 126 -21.07 -25.12 -40.05
CA CYS A 126 -21.58 -24.56 -38.78
C CYS A 126 -22.67 -23.53 -39.03
N LYS A 127 -22.51 -22.71 -40.07
CA LYS A 127 -23.52 -21.71 -40.41
C LYS A 127 -24.84 -22.39 -40.78
N VAL A 128 -24.76 -23.51 -41.49
CA VAL A 128 -25.95 -24.26 -41.88
C VAL A 128 -26.68 -24.85 -40.66
N VAL A 129 -25.92 -25.38 -39.71
CA VAL A 129 -26.52 -25.86 -38.47
C VAL A 129 -27.21 -24.73 -37.70
N ALA A 130 -26.58 -23.56 -37.66
CA ALA A 130 -27.18 -22.43 -36.97
C ALA A 130 -28.49 -22.01 -37.62
N GLU A 131 -28.56 -22.16 -38.94
CA GLU A 131 -29.77 -21.81 -39.71
C GLU A 131 -30.93 -22.75 -39.36
N MET A 132 -30.61 -23.98 -39.00
CA MET A 132 -31.61 -24.95 -38.57
C MET A 132 -32.22 -24.53 -37.24
N ILE A 133 -31.44 -23.82 -36.44
CA ILE A 133 -31.85 -23.43 -35.08
C ILE A 133 -32.56 -22.08 -35.07
N ARG A 134 -32.15 -21.21 -35.98
CA ARG A 134 -32.57 -19.82 -36.01
C ARG A 134 -34.09 -19.63 -36.01
N GLY A 135 -34.57 -18.83 -35.06
CA GLY A 135 -35.98 -18.48 -34.99
C GLY A 135 -36.90 -19.62 -34.58
N ARG A 136 -36.32 -20.69 -34.06
CA ARG A 136 -37.11 -21.86 -33.66
C ARG A 136 -37.27 -21.91 -32.15
N SER A 137 -38.43 -22.39 -31.71
CA SER A 137 -38.71 -22.58 -30.29
C SER A 137 -37.90 -23.78 -29.78
N PRO A 138 -37.72 -23.89 -28.45
CA PRO A 138 -37.04 -25.04 -27.87
C PRO A 138 -37.65 -26.37 -28.34
N GLU A 139 -38.97 -26.43 -28.41
CA GLU A 139 -39.66 -27.65 -28.84
C GLU A 139 -39.41 -27.96 -30.32
N GLU A 140 -39.38 -26.92 -31.13
CA GLU A 140 -39.11 -27.09 -32.56
C GLU A 140 -37.66 -27.52 -32.78
N ILE A 141 -36.75 -26.99 -31.98
CA ILE A 141 -35.34 -27.37 -32.06
C ILE A 141 -35.17 -28.84 -31.69
N ARG A 142 -35.89 -29.26 -30.65
CA ARG A 142 -35.86 -30.65 -30.20
C ARG A 142 -36.32 -31.61 -31.29
N ARG A 143 -37.37 -31.23 -32.02
CA ARG A 143 -37.93 -32.09 -33.06
C ARG A 143 -36.97 -32.21 -34.23
N THR A 144 -36.26 -31.13 -34.50
CA THR A 144 -35.32 -31.07 -35.61
C THR A 144 -34.20 -32.08 -35.42
N PHE A 145 -33.66 -32.13 -34.21
CA PHE A 145 -32.51 -33.00 -33.92
C PHE A 145 -32.89 -34.26 -33.15
N ASN A 146 -34.18 -34.47 -32.93
CA ASN A 146 -34.67 -35.61 -32.14
C ASN A 146 -34.03 -35.65 -30.75
N ILE A 147 -34.15 -34.54 -30.04
CA ILE A 147 -33.56 -34.40 -28.71
C ILE A 147 -34.60 -34.62 -27.64
N VAL A 148 -34.24 -35.40 -26.61
CA VAL A 148 -35.13 -35.65 -25.49
C VAL A 148 -35.14 -34.46 -24.53
N ASN A 149 -36.34 -33.99 -24.19
CA ASN A 149 -36.50 -32.98 -23.16
C ASN A 149 -36.26 -33.61 -21.79
N ASP A 150 -35.08 -33.42 -21.23
CA ASP A 150 -34.74 -34.04 -19.95
C ASP A 150 -34.91 -33.10 -18.74
N PHE A 151 -35.59 -31.99 -18.94
CA PHE A 151 -35.91 -31.09 -17.83
C PHE A 151 -37.13 -31.59 -17.06
N THR A 152 -37.04 -31.54 -15.73
CA THR A 152 -38.21 -31.77 -14.89
C THR A 152 -39.17 -30.61 -15.11
N PRO A 153 -40.47 -30.82 -14.82
CA PRO A 153 -41.43 -29.74 -15.00
C PRO A 153 -41.04 -28.49 -14.22
N GLU A 154 -40.36 -28.66 -13.09
CA GLU A 154 -39.94 -27.52 -12.29
C GLU A 154 -38.79 -26.76 -12.95
N GLU A 155 -37.77 -27.49 -13.35
CA GLU A 155 -36.58 -26.89 -13.95
C GLU A 155 -36.89 -26.20 -15.27
N GLU A 156 -37.88 -26.72 -16.00
CA GLU A 156 -38.25 -26.16 -17.29
C GLU A 156 -38.76 -24.72 -17.13
N ALA A 157 -39.63 -24.52 -16.14
CA ALA A 157 -40.19 -23.19 -15.88
C ALA A 157 -39.14 -22.21 -15.36
N ALA A 158 -38.26 -22.67 -14.49
CA ALA A 158 -37.24 -21.81 -13.90
C ALA A 158 -36.27 -21.23 -14.93
N ILE A 159 -35.99 -22.02 -15.97
CA ILE A 159 -35.10 -21.62 -17.06
C ILE A 159 -35.77 -20.59 -17.96
N ARG A 160 -37.06 -20.81 -18.21
CA ARG A 160 -37.85 -19.89 -19.03
C ARG A 160 -37.91 -18.47 -18.46
N ARG A 161 -37.97 -18.37 -17.14
CA ARG A 161 -38.08 -17.09 -16.46
C ARG A 161 -36.73 -16.39 -16.30
N GLU A 162 -35.70 -16.98 -16.91
CA GLU A 162 -34.38 -16.37 -17.14
C GLU A 162 -33.26 -16.60 -16.10
N ASN A 163 -33.30 -17.77 -15.46
CA ASN A 163 -32.18 -18.33 -14.69
C ASN A 163 -31.31 -17.33 -13.91
N ASN B 9 -35.11 -41.22 -40.83
CA ASN B 9 -34.63 -40.48 -39.67
C ASN B 9 -33.31 -39.77 -39.96
N LEU B 10 -32.21 -40.42 -39.57
CA LEU B 10 -30.85 -39.88 -39.72
C LEU B 10 -30.63 -38.60 -38.90
N LYS B 11 -31.59 -38.28 -38.02
CA LYS B 11 -31.48 -37.09 -37.19
C LYS B 11 -30.41 -37.29 -36.12
N ARG B 12 -29.77 -36.19 -35.72
CA ARG B 12 -28.69 -36.28 -34.76
C ARG B 12 -28.55 -35.01 -33.94
N ASP B 13 -28.35 -35.18 -32.64
CA ASP B 13 -28.07 -34.05 -31.77
C ASP B 13 -26.65 -33.57 -32.08
N LEU B 14 -26.54 -32.73 -33.10
CA LEU B 14 -25.24 -32.23 -33.56
C LEU B 14 -24.50 -31.42 -32.50
N ILE B 15 -25.24 -30.66 -31.70
CA ILE B 15 -24.64 -29.79 -30.69
C ILE B 15 -23.97 -30.61 -29.60
N THR B 16 -24.64 -31.69 -29.19
CA THR B 16 -24.08 -32.59 -28.19
C THR B 16 -22.94 -33.42 -28.77
N SER B 17 -23.14 -33.93 -29.98
CA SER B 17 -22.20 -34.85 -30.61
C SER B 17 -20.87 -34.21 -30.99
N LEU B 18 -20.92 -33.02 -31.57
CA LEU B 18 -19.72 -32.33 -32.04
C LEU B 18 -18.80 -31.97 -30.87
N PRO B 19 -17.50 -31.79 -31.15
CA PRO B 19 -16.58 -31.31 -30.12
C PRO B 19 -17.01 -29.93 -29.64
N PHE B 20 -16.77 -29.64 -28.37
CA PHE B 20 -17.23 -28.41 -27.73
C PHE B 20 -16.93 -27.13 -28.51
N GLU B 21 -15.69 -26.98 -28.97
CA GLU B 21 -15.29 -25.77 -29.67
C GLU B 21 -16.09 -25.55 -30.96
N ILE B 22 -16.46 -26.66 -31.61
CA ILE B 22 -17.23 -26.57 -32.85
C ILE B 22 -18.69 -26.20 -32.59
N SER B 23 -19.28 -26.77 -31.55
CA SER B 23 -20.65 -26.41 -31.19
C SER B 23 -20.68 -24.96 -30.73
N LEU B 24 -19.56 -24.52 -30.16
CA LEU B 24 -19.43 -23.14 -29.72
C LEU B 24 -19.43 -22.21 -30.91
N LYS B 25 -18.76 -22.64 -31.98
CA LYS B 25 -18.71 -21.90 -33.22
C LYS B 25 -20.12 -21.71 -33.80
N ILE B 26 -20.96 -22.72 -33.62
CA ILE B 26 -22.34 -22.68 -34.11
C ILE B 26 -23.15 -21.62 -33.37
N PHE B 27 -22.99 -21.57 -32.05
CA PHE B 27 -23.72 -20.61 -31.24
C PHE B 27 -23.27 -19.16 -31.51
N ASN B 28 -22.01 -18.99 -31.87
CA ASN B 28 -21.50 -17.66 -32.22
C ASN B 28 -22.11 -17.10 -33.51
N TYR B 29 -22.73 -17.98 -34.30
CA TYR B 29 -23.39 -17.56 -35.53
C TYR B 29 -24.86 -17.22 -35.28
N LEU B 30 -25.30 -17.38 -34.04
CA LEU B 30 -26.69 -17.14 -33.71
C LEU B 30 -26.91 -15.79 -33.04
N GLN B 31 -28.11 -15.25 -33.20
CA GLN B 31 -28.51 -14.06 -32.46
C GLN B 31 -28.85 -14.47 -31.04
N PHE B 32 -28.86 -13.49 -30.13
CA PHE B 32 -29.03 -13.81 -28.71
C PHE B 32 -30.36 -14.50 -28.43
N GLU B 33 -31.38 -14.19 -29.22
CA GLU B 33 -32.70 -14.79 -29.03
C GLU B 33 -32.62 -16.30 -29.21
N ASP B 34 -31.87 -16.74 -30.21
CA ASP B 34 -31.75 -18.16 -30.52
C ASP B 34 -30.93 -18.85 -29.44
N ILE B 35 -29.92 -18.16 -28.93
CA ILE B 35 -29.11 -18.68 -27.84
C ILE B 35 -29.95 -18.87 -26.58
N ILE B 36 -30.83 -17.91 -26.31
CA ILE B 36 -31.71 -18.00 -25.14
C ILE B 36 -32.66 -19.19 -25.24
N ASN B 37 -33.25 -19.37 -26.42
CA ASN B 37 -34.11 -20.53 -26.65
C ASN B 37 -33.33 -21.83 -26.52
N SER B 38 -32.09 -21.81 -26.98
CA SER B 38 -31.26 -23.00 -26.97
C SER B 38 -30.97 -23.47 -25.55
N LEU B 39 -30.90 -22.52 -24.61
CA LEU B 39 -30.75 -22.83 -23.20
C LEU B 39 -31.88 -23.70 -22.65
N GLY B 40 -33.05 -23.61 -23.29
CA GLY B 40 -34.21 -24.37 -22.86
C GLY B 40 -34.42 -25.68 -23.60
N VAL B 41 -33.44 -26.08 -24.40
CA VAL B 41 -33.60 -27.27 -25.23
C VAL B 41 -33.39 -28.57 -24.47
N SER B 42 -32.31 -28.63 -23.68
CA SER B 42 -32.03 -29.81 -22.86
C SER B 42 -30.96 -29.47 -21.82
N GLN B 43 -30.75 -30.37 -20.87
CA GLN B 43 -29.74 -30.14 -19.83
C GLN B 43 -28.34 -30.00 -20.41
N ASN B 44 -28.04 -30.80 -21.43
CA ASN B 44 -26.73 -30.79 -22.06
CA ASN B 44 -26.71 -30.75 -22.01
C ASN B 44 -26.47 -29.52 -22.86
N TRP B 45 -27.48 -29.08 -23.61
CA TRP B 45 -27.37 -27.83 -24.36
C TRP B 45 -27.18 -26.70 -23.36
N ASN B 46 -27.97 -26.75 -22.29
CA ASN B 46 -27.91 -25.74 -21.24
C ASN B 46 -26.50 -25.68 -20.66
N LYS B 47 -25.92 -26.84 -20.41
CA LYS B 47 -24.58 -26.93 -19.84
C LYS B 47 -23.53 -26.37 -20.80
N ILE B 48 -23.63 -26.76 -22.07
CA ILE B 48 -22.69 -26.33 -23.10
C ILE B 48 -22.66 -24.81 -23.26
N ILE B 49 -23.82 -24.18 -23.32
CA ILE B 49 -23.91 -22.74 -23.50
C ILE B 49 -23.38 -21.95 -22.30
N ARG B 50 -23.73 -22.39 -21.09
CA ARG B 50 -23.33 -21.69 -19.89
C ARG B 50 -21.87 -21.95 -19.52
N LYS B 51 -21.17 -22.66 -20.41
CA LYS B 51 -19.78 -23.05 -20.18
C LYS B 51 -18.83 -21.97 -20.69
N SER B 52 -19.19 -21.32 -21.79
CA SER B 52 -18.27 -20.39 -22.44
C SER B 52 -18.43 -18.96 -21.96
N THR B 53 -17.30 -18.33 -21.65
CA THR B 53 -17.27 -16.91 -21.35
C THR B 53 -17.34 -16.15 -22.65
N SER B 54 -16.57 -16.60 -23.63
CA SER B 54 -16.41 -15.90 -24.90
C SER B 54 -17.74 -15.64 -25.61
N LEU B 55 -18.65 -16.59 -25.53
CA LEU B 55 -19.95 -16.44 -26.16
C LEU B 55 -20.65 -15.16 -25.69
N TRP B 56 -20.69 -14.98 -24.37
CA TRP B 56 -21.36 -13.82 -23.79
C TRP B 56 -20.52 -12.56 -23.87
N LYS B 57 -19.21 -12.74 -23.86
CA LYS B 57 -18.29 -11.62 -24.09
C LYS B 57 -18.53 -11.02 -25.47
N LYS B 58 -18.60 -11.89 -26.48
CA LYS B 58 -18.85 -11.46 -27.86
C LYS B 58 -20.18 -10.71 -28.01
N LEU B 59 -21.23 -11.25 -27.40
CA LEU B 59 -22.55 -10.62 -27.48
C LEU B 59 -22.55 -9.24 -26.82
N LEU B 60 -21.94 -9.14 -25.64
CA LEU B 60 -21.81 -7.88 -24.92
C LEU B 60 -21.04 -6.85 -25.75
N ILE B 61 -19.97 -7.29 -26.39
CA ILE B 61 -19.18 -6.42 -27.25
C ILE B 61 -19.96 -6.03 -28.50
N SER B 62 -20.68 -6.99 -29.08
CA SER B 62 -21.37 -6.75 -30.35
C SER B 62 -22.53 -5.77 -30.20
N GLU B 63 -23.08 -5.66 -28.99
CA GLU B 63 -24.16 -4.72 -28.74
C GLU B 63 -23.65 -3.41 -28.13
N ASN B 64 -22.33 -3.24 -28.12
CA ASN B 64 -21.69 -2.07 -27.51
C ASN B 64 -22.05 -1.85 -26.05
N PHE B 65 -22.26 -2.93 -25.31
CA PHE B 65 -22.50 -2.80 -23.87
C PHE B 65 -21.18 -2.72 -23.12
N VAL B 66 -20.10 -3.13 -23.78
CA VAL B 66 -18.77 -3.07 -23.20
C VAL B 66 -17.75 -3.08 -24.31
N SER B 67 -16.55 -2.56 -24.03
CA SER B 67 -15.46 -2.61 -24.99
C SER B 67 -14.47 -3.67 -24.51
N PRO B 68 -13.57 -4.13 -25.40
CA PRO B 68 -12.51 -5.04 -24.97
C PRO B 68 -11.72 -4.50 -23.78
N LYS B 69 -11.40 -3.21 -23.81
CA LYS B 69 -10.57 -2.61 -22.76
C LYS B 69 -11.36 -2.43 -21.47
N GLY B 70 -12.67 -2.37 -21.58
CA GLY B 70 -13.52 -2.15 -20.43
C GLY B 70 -13.98 -3.45 -19.78
N PHE B 71 -13.67 -4.56 -20.43
CA PHE B 71 -14.19 -5.86 -20.04
C PHE B 71 -13.83 -6.26 -18.60
N ASN B 72 -12.55 -6.13 -18.26
CA ASN B 72 -12.09 -6.45 -16.91
C ASN B 72 -12.81 -5.69 -15.82
N SER B 73 -13.03 -4.39 -16.02
CA SER B 73 -13.75 -3.57 -15.07
C SER B 73 -15.22 -4.00 -14.96
N LEU B 74 -15.79 -4.47 -16.07
CA LEU B 74 -17.16 -4.96 -16.05
C LEU B 74 -17.25 -6.24 -15.24
N ASN B 75 -16.33 -7.17 -15.51
CA ASN B 75 -16.27 -8.46 -14.81
C ASN B 75 -16.19 -8.32 -13.30
N LEU B 76 -15.31 -7.44 -12.85
CA LEU B 76 -15.14 -7.18 -11.43
C LEU B 76 -16.41 -6.61 -10.80
N LYS B 77 -16.99 -5.61 -11.47
CA LYS B 77 -18.26 -5.03 -11.05
C LYS B 77 -19.35 -6.11 -10.94
N LEU B 78 -19.37 -7.02 -11.90
CA LEU B 78 -20.32 -8.13 -11.90
C LEU B 78 -20.08 -9.11 -10.75
N SER B 79 -18.81 -9.33 -10.42
CA SER B 79 -18.46 -10.20 -9.31
C SER B 79 -18.92 -9.61 -7.98
N GLN B 80 -18.79 -8.30 -7.85
CA GLN B 80 -19.23 -7.58 -6.67
C GLN B 80 -20.75 -7.67 -6.54
N LYS B 81 -21.44 -7.57 -7.66
CA LYS B 81 -22.90 -7.60 -7.67
C LYS B 81 -23.43 -9.02 -7.50
N TYR B 82 -22.82 -9.98 -8.20
CA TYR B 82 -23.23 -11.38 -8.13
C TYR B 82 -22.13 -12.30 -7.65
N PRO B 83 -21.82 -12.26 -6.34
CA PRO B 83 -20.67 -13.02 -5.81
C PRO B 83 -20.81 -14.53 -6.00
N LYS B 84 -22.03 -15.04 -6.02
CA LYS B 84 -22.23 -16.49 -6.06
C LYS B 84 -22.60 -17.04 -7.43
N LEU B 85 -22.34 -16.26 -8.48
CA LEU B 85 -22.54 -16.72 -9.85
C LEU B 85 -21.21 -16.93 -10.57
N SER B 86 -21.19 -17.87 -11.51
CA SER B 86 -20.02 -18.08 -12.35
C SER B 86 -19.85 -16.87 -13.26
N GLN B 87 -18.67 -16.71 -13.83
CA GLN B 87 -18.41 -15.62 -14.75
C GLN B 87 -19.36 -15.67 -15.94
N GLN B 88 -19.61 -16.88 -16.45
CA GLN B 88 -20.48 -17.07 -17.59
C GLN B 88 -21.91 -16.58 -17.30
N ASP B 89 -22.44 -16.98 -16.15
CA ASP B 89 -23.79 -16.60 -15.76
C ASP B 89 -23.87 -15.10 -15.46
N ARG B 90 -22.81 -14.55 -14.88
CA ARG B 90 -22.73 -13.12 -14.63
C ARG B 90 -22.87 -12.36 -15.94
N LEU B 91 -22.11 -12.78 -16.94
CA LEU B 91 -22.10 -12.13 -18.24
C LEU B 91 -23.44 -12.28 -18.96
N ARG B 92 -24.06 -13.46 -18.82
CA ARG B 92 -25.36 -13.68 -19.42
C ARG B 92 -26.43 -12.80 -18.78
N LEU B 93 -26.44 -12.73 -17.45
CA LEU B 93 -27.40 -11.88 -16.74
C LEU B 93 -27.20 -10.40 -17.08
N SER B 94 -25.94 -9.98 -17.17
CA SER B 94 -25.61 -8.62 -17.55
C SER B 94 -26.15 -8.34 -18.95
N PHE B 95 -25.98 -9.31 -19.86
CA PHE B 95 -26.39 -9.09 -21.24
C PHE B 95 -27.90 -8.96 -21.34
N LEU B 96 -28.62 -9.84 -20.66
CA LEU B 96 -30.07 -9.86 -20.72
C LEU B 96 -30.66 -8.56 -20.16
N GLU B 97 -30.10 -8.10 -19.06
CA GLU B 97 -30.53 -6.83 -18.47
C GLU B 97 -30.26 -5.66 -19.43
N ASN B 98 -29.07 -5.63 -19.99
CA ASN B 98 -28.71 -4.56 -20.92
C ASN B 98 -29.52 -4.56 -22.21
N ILE B 99 -29.84 -5.74 -22.72
CA ILE B 99 -30.56 -5.81 -23.99
C ILE B 99 -32.03 -5.45 -23.76
N PHE B 100 -32.53 -5.73 -22.57
CA PHE B 100 -33.90 -5.38 -22.19
C PHE B 100 -34.02 -3.87 -22.09
N ILE B 101 -33.08 -3.26 -21.39
CA ILE B 101 -33.05 -1.81 -21.23
C ILE B 101 -32.89 -1.09 -22.58
N LEU B 102 -31.98 -1.58 -23.41
CA LEU B 102 -31.73 -0.96 -24.71
C LEU B 102 -32.97 -1.00 -25.59
N LYS B 103 -33.66 -2.13 -25.58
CA LYS B 103 -34.89 -2.27 -26.37
C LYS B 103 -35.94 -1.25 -25.97
N ASN B 104 -36.02 -0.95 -24.67
CA ASN B 104 -36.92 0.09 -24.19
C ASN B 104 -36.53 1.47 -24.73
N TRP B 105 -35.25 1.82 -24.61
CA TRP B 105 -34.72 3.06 -25.18
C TRP B 105 -35.03 3.18 -26.68
N TYR B 106 -34.98 2.07 -27.39
CA TYR B 106 -35.16 2.05 -28.84
C TYR B 106 -36.63 1.95 -29.27
N ASN B 107 -37.50 1.51 -28.35
CA ASN B 107 -38.91 1.36 -28.68
C ASN B 107 -39.67 2.68 -28.67
N PRO B 108 -40.08 3.18 -29.85
CA PRO B 108 -40.77 4.47 -29.95
C PRO B 108 -42.13 4.46 -29.24
N LYS B 109 -42.61 3.27 -28.90
CA LYS B 109 -43.87 3.14 -28.18
C LYS B 109 -43.64 2.91 -26.70
N PHE B 110 -42.38 2.76 -26.29
CA PHE B 110 -42.05 2.71 -24.88
C PHE B 110 -42.01 4.14 -24.36
N VAL B 111 -42.49 4.34 -23.14
CA VAL B 111 -42.38 5.63 -22.48
C VAL B 111 -41.83 5.41 -21.08
N PRO B 112 -40.74 6.10 -20.74
CA PRO B 112 -40.12 5.93 -19.42
C PRO B 112 -40.99 6.55 -18.33
N GLN B 113 -40.88 6.00 -17.11
CA GLN B 113 -41.49 6.65 -15.96
C GLN B 113 -40.73 7.94 -15.68
N ARG B 114 -41.46 8.98 -15.31
CA ARG B 114 -40.86 10.29 -15.10
C ARG B 114 -41.04 10.77 -13.66
N THR B 115 -39.96 11.24 -13.06
CA THR B 115 -40.01 11.87 -11.74
C THR B 115 -39.51 13.30 -11.88
N THR B 116 -40.31 14.26 -11.40
CA THR B 116 -39.96 15.67 -11.49
C THR B 116 -39.72 16.23 -10.08
N LEU B 117 -38.52 16.73 -9.84
CA LEU B 117 -38.14 17.20 -8.51
C LEU B 117 -37.71 18.66 -8.52
N ARG B 118 -37.95 19.34 -7.40
CA ARG B 118 -37.54 20.73 -7.24
C ARG B 118 -36.07 20.91 -7.54
N GLY B 119 -35.73 21.96 -8.28
CA GLY B 119 -34.35 22.27 -8.60
C GLY B 119 -33.76 23.31 -7.67
N HIS B 120 -33.03 24.28 -8.23
CA HIS B 120 -32.40 25.33 -7.44
C HIS B 120 -33.29 26.58 -7.33
N MET B 121 -32.84 27.54 -6.53
CA MET B 121 -33.55 28.80 -6.37
C MET B 121 -33.48 29.66 -7.64
N THR B 122 -32.46 29.42 -8.46
CA THR B 122 -32.37 30.08 -9.76
C THR B 122 -32.83 29.11 -10.84
N SER B 123 -33.26 29.65 -11.98
CA SER B 123 -33.82 28.82 -13.04
C SER B 123 -32.74 28.16 -13.90
N VAL B 124 -31.52 28.66 -13.79
CA VAL B 124 -30.41 28.12 -14.58
C VAL B 124 -29.52 27.20 -13.74
N ILE B 125 -29.33 25.98 -14.22
CA ILE B 125 -28.41 25.04 -13.58
C ILE B 125 -27.11 25.05 -14.37
N THR B 126 -25.98 25.17 -13.67
CA THR B 126 -24.70 25.38 -14.35
C THR B 126 -23.89 24.11 -14.54
N CYS B 127 -24.13 23.12 -13.69
CA CYS B 127 -23.36 21.88 -13.76
C CYS B 127 -24.09 20.72 -13.12
N LEU B 128 -23.81 19.52 -13.62
CA LEU B 128 -24.45 18.30 -13.15
C LEU B 128 -23.47 17.14 -13.22
N GLN B 129 -23.45 16.36 -12.14
CA GLN B 129 -22.72 15.09 -12.13
C GLN B 129 -23.72 13.98 -11.87
N PHE B 130 -23.50 12.83 -12.49
CA PHE B 130 -24.34 11.67 -12.27
C PHE B 130 -23.44 10.45 -12.12
N GLU B 131 -23.20 10.06 -10.88
CA GLU B 131 -22.35 8.91 -10.57
C GLU B 131 -22.84 8.26 -9.29
N ASP B 132 -22.61 6.95 -9.16
CA ASP B 132 -22.75 6.26 -7.88
C ASP B 132 -24.12 6.42 -7.26
N ASN B 133 -25.17 6.40 -8.08
CA ASN B 133 -26.55 6.58 -7.61
C ASN B 133 -26.81 7.96 -7.01
N TYR B 134 -25.90 8.89 -7.25
CA TYR B 134 -26.11 10.28 -6.89
C TYR B 134 -26.33 11.13 -8.13
N VAL B 135 -27.25 12.07 -8.04
CA VAL B 135 -27.33 13.15 -9.01
C VAL B 135 -26.98 14.41 -8.27
N ILE B 136 -26.01 15.16 -8.79
CA ILE B 136 -25.50 16.33 -8.10
C ILE B 136 -25.52 17.54 -9.04
N THR B 137 -26.11 18.63 -8.58
CA THR B 137 -26.26 19.83 -9.39
C THR B 137 -25.74 21.08 -8.69
N GLY B 138 -25.22 22.01 -9.48
CA GLY B 138 -24.81 23.30 -8.97
C GLY B 138 -25.49 24.42 -9.73
N ALA B 139 -25.70 25.56 -9.08
CA ALA B 139 -26.27 26.72 -9.74
C ALA B 139 -25.70 28.03 -9.22
N ASP B 140 -26.20 29.14 -9.77
CA ASP B 140 -25.72 30.45 -9.38
C ASP B 140 -26.37 30.90 -8.07
N ASP B 141 -27.17 30.02 -7.48
CA ASP B 141 -27.77 30.28 -6.17
C ASP B 141 -26.82 29.88 -5.04
N LYS B 142 -25.56 29.63 -5.40
CA LYS B 142 -24.50 29.29 -4.46
C LYS B 142 -24.66 27.91 -3.81
N MET B 143 -25.66 27.15 -4.27
CA MET B 143 -25.98 25.85 -3.67
C MET B 143 -25.57 24.65 -4.51
N ILE B 144 -25.30 23.54 -3.82
CA ILE B 144 -25.11 22.25 -4.46
C ILE B 144 -26.19 21.31 -3.95
N ARG B 145 -26.93 20.70 -4.87
CA ARG B 145 -28.00 19.79 -4.46
C ARG B 145 -27.67 18.36 -4.84
N VAL B 146 -27.95 17.44 -3.92
CA VAL B 146 -27.65 16.03 -4.11
C VAL B 146 -28.94 15.22 -4.11
N TYR B 147 -29.06 14.35 -5.11
CA TYR B 147 -30.26 13.52 -5.26
C TYR B 147 -29.90 12.04 -5.31
N ASP B 148 -30.84 11.22 -4.85
CA ASP B 148 -30.75 9.76 -4.92
C ASP B 148 -31.43 9.33 -6.22
N SER B 149 -30.68 8.73 -7.13
CA SER B 149 -31.25 8.34 -8.43
C SER B 149 -32.00 7.01 -8.38
N ILE B 150 -31.76 6.23 -7.33
CA ILE B 150 -32.45 4.96 -7.16
C ILE B 150 -33.88 5.18 -6.67
N ASN B 151 -34.02 5.88 -5.56
CA ASN B 151 -35.34 6.19 -5.03
C ASN B 151 -35.95 7.43 -5.67
N LYS B 152 -35.14 8.14 -6.46
CA LYS B 152 -35.61 9.32 -7.19
C LYS B 152 -36.18 10.39 -6.28
N LYS B 153 -35.35 10.87 -5.36
CA LYS B 153 -35.74 11.86 -4.36
C LYS B 153 -34.57 12.79 -4.06
N PHE B 154 -34.88 13.96 -3.50
CA PHE B 154 -33.88 14.89 -3.00
C PHE B 154 -33.27 14.36 -1.70
N LEU B 155 -31.95 14.48 -1.57
CA LEU B 155 -31.26 14.01 -0.36
C LEU B 155 -30.88 15.15 0.58
N LEU B 156 -30.03 16.05 0.09
CA LEU B 156 -29.62 17.20 0.89
C LEU B 156 -29.03 18.30 0.03
N GLN B 157 -28.99 19.51 0.59
CA GLN B 157 -28.38 20.65 -0.08
C GLN B 157 -27.07 20.99 0.60
N LEU B 158 -26.01 21.13 -0.20
CA LEU B 158 -24.71 21.52 0.32
C LEU B 158 -24.48 23.01 0.14
N SER B 159 -24.45 23.74 1.26
CA SER B 159 -24.24 25.18 1.23
C SER B 159 -22.88 25.53 1.84
N GLY B 160 -22.33 26.68 1.45
CA GLY B 160 -21.04 27.10 1.95
C GLY B 160 -20.35 28.07 1.01
N HIS B 161 -20.51 27.85 -0.29
CA HIS B 161 -19.97 28.77 -1.29
C HIS B 161 -20.58 30.16 -1.13
N ASP B 162 -19.74 31.18 -1.24
CA ASP B 162 -20.19 32.56 -1.16
C ASP B 162 -20.49 33.13 -2.55
N GLY B 163 -20.26 32.31 -3.57
CA GLY B 163 -20.56 32.68 -4.94
C GLY B 163 -21.22 31.51 -5.67
N GLY B 164 -21.65 31.75 -6.90
CA GLY B 164 -22.29 30.72 -7.69
C GLY B 164 -21.37 29.55 -7.98
N VAL B 165 -21.94 28.36 -8.07
CA VAL B 165 -21.19 27.15 -8.36
C VAL B 165 -21.18 26.90 -9.86
N TRP B 166 -19.99 26.81 -10.45
CA TRP B 166 -19.88 26.67 -11.90
C TRP B 166 -19.11 25.45 -12.36
N ALA B 167 -18.60 24.66 -11.41
CA ALA B 167 -17.89 23.43 -11.75
C ALA B 167 -18.05 22.39 -10.65
N LEU B 168 -18.32 21.16 -11.05
CA LEU B 168 -18.52 20.05 -10.13
C LEU B 168 -17.82 18.79 -10.63
N LYS B 169 -17.21 18.04 -9.72
CA LYS B 169 -16.63 16.76 -10.10
C LYS B 169 -16.73 15.76 -8.96
N TYR B 170 -17.44 14.66 -9.23
CA TYR B 170 -17.57 13.60 -8.25
C TYR B 170 -16.30 12.75 -8.24
N ALA B 171 -15.83 12.41 -7.05
CA ALA B 171 -14.62 11.61 -6.93
C ALA B 171 -14.94 10.13 -6.69
N HIS B 172 -15.29 9.80 -5.46
CA HIS B 172 -15.60 8.44 -5.06
C HIS B 172 -16.07 8.48 -3.62
N GLY B 173 -16.88 7.49 -3.23
CA GLY B 173 -17.32 7.37 -1.85
C GLY B 173 -18.03 8.59 -1.29
N GLY B 174 -18.84 9.24 -2.13
CA GLY B 174 -19.62 10.37 -1.70
C GLY B 174 -18.80 11.65 -1.53
N ILE B 175 -17.61 11.67 -2.10
CA ILE B 175 -16.76 12.85 -2.03
C ILE B 175 -16.86 13.62 -3.35
N LEU B 176 -16.99 14.94 -3.27
CA LEU B 176 -17.05 15.74 -4.48
C LEU B 176 -16.30 17.06 -4.35
N VAL B 177 -15.88 17.60 -5.50
CA VAL B 177 -15.13 18.86 -5.54
C VAL B 177 -15.90 19.91 -6.34
N SER B 178 -15.90 21.15 -5.86
CA SER B 178 -16.63 22.23 -6.53
C SER B 178 -15.75 23.46 -6.80
N GLY B 179 -16.11 24.22 -7.82
CA GLY B 179 -15.44 25.48 -8.13
C GLY B 179 -16.49 26.57 -8.24
N SER B 180 -16.15 27.78 -7.84
CA SER B 180 -17.13 28.85 -7.72
C SER B 180 -16.62 30.22 -8.15
N THR B 181 -17.53 31.19 -8.21
CA THR B 181 -17.16 32.57 -8.51
C THR B 181 -16.58 33.25 -7.27
N ASP B 182 -16.61 32.56 -6.14
CA ASP B 182 -15.96 33.07 -4.94
C ASP B 182 -14.46 32.76 -4.93
N ARG B 183 -13.98 32.20 -6.03
CA ARG B 183 -12.56 31.89 -6.25
C ARG B 183 -12.05 30.72 -5.42
N THR B 184 -12.95 30.05 -4.72
CA THR B 184 -12.54 28.93 -3.88
C THR B 184 -12.76 27.57 -4.54
N VAL B 185 -11.98 26.58 -4.10
CA VAL B 185 -12.19 25.20 -4.48
C VAL B 185 -12.61 24.47 -3.22
N ARG B 186 -13.75 23.80 -3.26
CA ARG B 186 -14.27 23.14 -2.06
C ARG B 186 -14.42 21.63 -2.22
N VAL B 187 -14.04 20.91 -1.17
CA VAL B 187 -14.21 19.46 -1.12
C VAL B 187 -15.36 19.15 -0.18
N TRP B 188 -16.26 18.26 -0.61
CA TRP B 188 -17.44 17.95 0.18
C TRP B 188 -17.55 16.46 0.45
N ASP B 189 -18.14 16.12 1.59
CA ASP B 189 -18.48 14.73 1.91
C ASP B 189 -19.99 14.64 2.00
N ILE B 190 -20.60 13.95 1.05
CA ILE B 190 -22.06 13.81 1.00
C ILE B 190 -22.60 13.11 2.25
N LYS B 191 -21.92 12.07 2.69
CA LYS B 191 -22.40 11.27 3.81
C LYS B 191 -22.25 11.98 5.15
N LYS B 192 -21.43 13.03 5.19
CA LYS B 192 -21.33 13.88 6.38
C LYS B 192 -22.20 15.12 6.19
N GLY B 193 -22.63 15.34 4.95
CA GLY B 193 -23.48 16.46 4.61
C GLY B 193 -22.82 17.81 4.84
N CYS B 194 -21.51 17.90 4.61
CA CYS B 194 -20.80 19.15 4.86
C CYS B 194 -19.59 19.34 3.95
N CYS B 195 -19.05 20.55 3.97
CA CYS B 195 -17.79 20.84 3.32
C CYS B 195 -16.64 20.45 4.25
N THR B 196 -15.65 19.76 3.72
CA THR B 196 -14.52 19.34 4.55
C THR B 196 -13.29 20.22 4.34
N HIS B 197 -13.14 20.76 3.14
CA HIS B 197 -11.98 21.61 2.82
C HIS B 197 -12.36 22.79 1.93
N VAL B 198 -11.81 23.96 2.24
CA VAL B 198 -11.92 25.12 1.37
C VAL B 198 -10.53 25.57 0.94
N PHE B 199 -10.20 25.40 -0.34
CA PHE B 199 -8.90 25.78 -0.86
C PHE B 199 -8.95 27.13 -1.56
N GLU B 200 -8.24 28.11 -1.01
CA GLU B 200 -8.14 29.42 -1.64
C GLU B 200 -6.81 29.51 -2.36
N GLY B 201 -6.71 30.45 -3.31
CA GLY B 201 -5.49 30.60 -4.07
C GLY B 201 -5.74 31.26 -5.41
N HIS B 202 -6.79 30.83 -6.10
CA HIS B 202 -7.19 31.44 -7.36
C HIS B 202 -7.54 32.91 -7.14
N ASN B 203 -7.16 33.75 -8.08
CA ASN B 203 -7.41 35.18 -7.97
C ASN B 203 -8.64 35.61 -8.76
N SER B 204 -9.36 34.62 -9.27
CA SER B 204 -10.57 34.87 -10.04
C SER B 204 -11.47 33.63 -10.04
N THR B 205 -12.58 33.70 -10.77
CA THR B 205 -13.57 32.63 -10.80
C THR B 205 -12.98 31.28 -11.24
N VAL B 206 -13.24 30.24 -10.47
CA VAL B 206 -12.89 28.88 -10.89
C VAL B 206 -13.88 28.45 -11.96
N ARG B 207 -13.41 28.34 -13.20
CA ARG B 207 -14.28 28.13 -14.35
C ARG B 207 -14.53 26.67 -14.68
N CYS B 208 -13.55 25.83 -14.41
CA CYS B 208 -13.62 24.42 -14.77
C CYS B 208 -12.72 23.62 -13.87
N LEU B 209 -12.86 22.30 -13.87
CA LEU B 209 -12.00 21.43 -13.06
C LEU B 209 -12.10 19.96 -13.44
N ASP B 210 -11.05 19.20 -13.13
CA ASP B 210 -11.03 17.76 -13.34
C ASP B 210 -10.26 17.10 -12.20
N ILE B 211 -10.47 15.80 -12.02
CA ILE B 211 -9.73 15.03 -11.03
C ILE B 211 -9.03 13.86 -11.70
N VAL B 212 -7.72 13.73 -11.44
CA VAL B 212 -6.96 12.63 -12.04
C VAL B 212 -6.33 11.77 -10.95
N GLU B 213 -6.05 10.51 -11.29
CA GLU B 213 -5.34 9.64 -10.38
C GLU B 213 -4.03 9.18 -11.02
N TYR B 214 -2.92 9.48 -10.37
CA TYR B 214 -1.62 9.09 -10.88
C TYR B 214 -0.82 8.41 -9.77
N LYS B 215 -0.41 7.17 -10.01
CA LYS B 215 0.31 6.37 -9.02
C LYS B 215 -0.50 6.23 -7.73
N ASN B 216 -1.77 5.86 -7.86
CA ASN B 216 -2.67 5.69 -6.72
C ASN B 216 -2.77 6.92 -5.81
N ILE B 217 -2.80 8.10 -6.41
CA ILE B 217 -3.04 9.35 -5.68
C ILE B 217 -3.91 10.27 -6.52
N LYS B 218 -5.02 10.73 -5.95
CA LYS B 218 -5.92 11.62 -6.69
C LYS B 218 -5.53 13.08 -6.55
N TYR B 219 -5.51 13.78 -7.69
CA TYR B 219 -5.20 15.20 -7.72
C TYR B 219 -6.37 16.00 -8.28
N ILE B 220 -6.57 17.20 -7.75
CA ILE B 220 -7.55 18.12 -8.32
C ILE B 220 -6.83 19.14 -9.19
N VAL B 221 -7.38 19.39 -10.37
CA VAL B 221 -6.84 20.41 -11.28
C VAL B 221 -7.95 21.40 -11.61
N THR B 222 -7.72 22.67 -11.31
CA THR B 222 -8.76 23.69 -11.46
C THR B 222 -8.34 24.83 -12.38
N GLY B 223 -9.12 25.04 -13.43
CA GLY B 223 -8.89 26.15 -14.34
C GLY B 223 -9.70 27.37 -13.92
N SER B 224 -9.11 28.56 -14.08
CA SER B 224 -9.75 29.78 -13.62
C SER B 224 -9.68 30.92 -14.63
N ARG B 225 -10.49 31.94 -14.38
CA ARG B 225 -10.46 33.16 -15.17
C ARG B 225 -9.23 34.02 -14.88
N ASP B 226 -8.35 33.54 -14.00
CA ASP B 226 -7.09 34.23 -13.73
C ASP B 226 -5.98 33.73 -14.67
N ASN B 227 -6.40 33.02 -15.72
CA ASN B 227 -5.50 32.48 -16.75
C ASN B 227 -4.64 31.30 -16.30
N THR B 228 -4.83 30.85 -15.07
CA THR B 228 -3.99 29.81 -14.52
C THR B 228 -4.75 28.51 -14.26
N LEU B 229 -3.99 27.46 -13.95
CA LEU B 229 -4.54 26.25 -13.36
C LEU B 229 -3.82 25.96 -12.05
N HIS B 230 -4.58 25.55 -11.03
CA HIS B 230 -4.00 25.15 -9.77
C HIS B 230 -4.10 23.64 -9.62
N VAL B 231 -3.07 23.02 -9.05
CA VAL B 231 -3.10 21.59 -8.81
C VAL B 231 -3.12 21.31 -7.30
N TRP B 232 -4.02 20.43 -6.87
CA TRP B 232 -4.15 20.09 -5.46
C TRP B 232 -4.30 18.59 -5.27
N LYS B 233 -3.78 18.07 -4.17
CA LYS B 233 -4.04 16.69 -3.78
C LYS B 233 -5.43 16.59 -3.18
N LEU B 234 -6.16 15.54 -3.54
CA LEU B 234 -7.47 15.27 -2.95
C LEU B 234 -7.28 14.60 -1.59
N PRO B 235 -7.77 15.26 -0.53
CA PRO B 235 -7.63 14.76 0.86
C PRO B 235 -8.25 13.37 1.06
N LYS B 236 -7.59 12.55 1.86
CA LYS B 236 -8.05 11.20 2.15
C LYS B 236 -9.12 11.18 3.24
N GLU B 237 -9.88 10.08 3.32
CA GLU B 237 -10.94 9.94 4.30
C GLU B 237 -10.40 9.64 5.70
N SER B 238 -11.19 9.97 6.73
CA SER B 238 -10.75 9.86 8.11
C SER B 238 -11.23 8.61 8.83
N SER B 239 -10.58 8.29 9.94
CA SER B 239 -10.94 7.11 10.74
C SER B 239 -11.04 7.44 12.23
N VAL B 240 -11.30 6.40 13.04
CA VAL B 240 -11.44 6.57 14.50
C VAL B 240 -10.84 5.39 15.26
N HIS B 247 -14.16 16.77 13.15
CA HIS B 247 -13.17 17.84 13.05
C HIS B 247 -13.78 19.22 13.28
N ASP B 248 -13.09 20.23 12.75
CA ASP B 248 -13.56 21.61 12.76
C ASP B 248 -13.95 22.00 11.34
N TYR B 249 -14.69 21.11 10.68
CA TYR B 249 -15.09 21.30 9.28
C TYR B 249 -15.88 22.60 9.08
N PRO B 250 -15.57 23.34 8.00
CA PRO B 250 -14.57 22.96 6.99
C PRO B 250 -13.15 23.37 7.38
N LEU B 251 -12.18 22.58 6.95
CA LEU B 251 -10.78 22.95 7.08
C LEU B 251 -10.46 24.01 6.04
N VAL B 252 -10.33 25.26 6.49
CA VAL B 252 -10.09 26.36 5.57
C VAL B 252 -8.59 26.63 5.42
N PHE B 253 -8.15 26.78 4.17
CA PHE B 253 -6.75 27.07 3.87
C PHE B 253 -6.62 28.37 3.08
N HIS B 254 -6.38 29.47 3.80
CA HIS B 254 -6.33 30.80 3.21
C HIS B 254 -5.10 31.02 2.34
N THR B 255 -4.04 30.25 2.57
CA THR B 255 -2.78 30.48 1.85
C THR B 255 -2.15 29.18 1.33
N PRO B 256 -2.01 29.09 0.00
CA PRO B 256 -1.51 27.91 -0.73
C PRO B 256 -0.20 27.33 -0.20
N GLU B 257 0.79 28.18 0.07
CA GLU B 257 2.07 27.72 0.57
C GLU B 257 1.95 27.02 1.92
N GLU B 258 0.91 27.38 2.67
CA GLU B 258 0.67 26.79 3.97
C GLU B 258 -0.47 25.78 3.87
N ASN B 259 -0.71 25.33 2.64
CA ASN B 259 -1.71 24.30 2.35
C ASN B 259 -0.99 23.03 1.92
N PRO B 260 -0.99 22.00 2.78
CA PRO B 260 -0.27 20.75 2.47
C PRO B 260 -0.92 19.98 1.32
N TYR B 261 -2.10 20.41 0.90
CA TYR B 261 -2.78 19.78 -0.24
C TYR B 261 -2.51 20.57 -1.52
N PHE B 262 -1.79 21.68 -1.40
CA PHE B 262 -1.45 22.51 -2.56
C PHE B 262 -0.19 21.98 -3.24
N VAL B 263 -0.24 21.89 -4.56
CA VAL B 263 0.89 21.34 -5.32
C VAL B 263 1.65 22.43 -6.06
N GLY B 264 0.93 23.25 -6.81
CA GLY B 264 1.55 24.34 -7.54
C GLY B 264 0.63 24.98 -8.57
N VAL B 265 1.13 26.02 -9.21
CA VAL B 265 0.37 26.76 -10.20
C VAL B 265 0.90 26.50 -11.60
N LEU B 266 0.00 26.27 -12.55
CA LEU B 266 0.39 26.10 -13.94
C LEU B 266 0.05 27.36 -14.74
N ARG B 267 1.06 28.18 -14.98
CA ARG B 267 0.90 29.39 -15.78
C ARG B 267 1.34 29.14 -17.21
N GLY B 268 0.66 29.79 -18.15
CA GLY B 268 0.93 29.60 -19.56
C GLY B 268 -0.07 30.33 -20.44
N HIS B 269 -1.35 30.30 -20.04
CA HIS B 269 -2.39 30.95 -20.81
C HIS B 269 -2.45 32.46 -20.58
N MET B 270 -2.93 33.18 -21.60
CA MET B 270 -3.01 34.63 -21.55
C MET B 270 -4.45 35.07 -21.34
N ALA B 271 -5.34 34.09 -21.20
CA ALA B 271 -6.75 34.37 -21.00
C ALA B 271 -7.40 33.25 -20.20
N SER B 272 -8.67 33.42 -19.86
CA SER B 272 -9.39 32.49 -19.00
C SER B 272 -9.23 31.04 -19.43
N VAL B 273 -9.03 30.16 -18.46
CA VAL B 273 -8.98 28.73 -18.74
C VAL B 273 -10.40 28.18 -18.73
N ARG B 274 -10.91 27.91 -19.92
CA ARG B 274 -12.32 27.59 -20.12
C ARG B 274 -12.62 26.11 -19.91
N THR B 275 -11.69 25.25 -20.27
CA THR B 275 -11.94 23.81 -20.22
C THR B 275 -10.69 23.04 -19.82
N VAL B 276 -10.89 21.90 -19.19
CA VAL B 276 -9.79 21.06 -18.74
C VAL B 276 -10.17 19.59 -18.80
N SER B 277 -9.24 18.75 -19.22
CA SER B 277 -9.48 17.32 -19.34
C SER B 277 -8.18 16.56 -19.09
N GLY B 278 -8.19 15.66 -18.12
CA GLY B 278 -6.98 14.93 -17.78
C GLY B 278 -7.16 13.46 -17.49
N HIS B 279 -6.05 12.73 -17.53
CA HIS B 279 -6.01 11.32 -17.14
C HIS B 279 -4.57 10.98 -16.75
N GLY B 280 -4.42 10.30 -15.61
CA GLY B 280 -3.10 10.02 -15.08
C GLY B 280 -2.37 11.33 -14.82
N ASN B 281 -1.10 11.38 -15.21
CA ASN B 281 -0.28 12.58 -14.97
C ASN B 281 -0.41 13.62 -16.08
N ILE B 282 -1.19 13.31 -17.10
CA ILE B 282 -1.37 14.23 -18.22
C ILE B 282 -2.69 14.98 -18.15
N VAL B 283 -2.61 16.30 -18.23
CA VAL B 283 -3.79 17.15 -18.22
C VAL B 283 -3.72 18.18 -19.34
N VAL B 284 -4.84 18.34 -20.06
CA VAL B 284 -4.92 19.32 -21.13
C VAL B 284 -5.86 20.47 -20.74
N SER B 285 -5.42 21.71 -20.94
CA SER B 285 -6.26 22.87 -20.70
C SER B 285 -6.54 23.60 -21.99
N GLY B 286 -7.75 24.16 -22.11
CA GLY B 286 -8.09 25.00 -23.24
C GLY B 286 -8.45 26.39 -22.77
N SER B 287 -8.07 27.41 -23.53
CA SER B 287 -8.24 28.79 -23.09
C SER B 287 -8.89 29.71 -24.11
N TYR B 288 -9.38 30.85 -23.62
CA TYR B 288 -9.90 31.91 -24.47
C TYR B 288 -8.79 32.61 -25.27
N ASP B 289 -7.53 32.24 -25.03
CA ASP B 289 -6.42 32.77 -25.83
C ASP B 289 -6.20 32.00 -27.13
N ASN B 290 -7.16 31.13 -27.48
CA ASN B 290 -7.13 30.33 -28.70
C ASN B 290 -6.11 29.19 -28.71
N THR B 291 -5.54 28.87 -27.56
CA THR B 291 -4.53 27.83 -27.48
C THR B 291 -4.88 26.78 -26.44
N LEU B 292 -4.26 25.61 -26.57
CA LEU B 292 -4.34 24.60 -25.52
C LEU B 292 -2.95 24.28 -25.02
N ILE B 293 -2.86 23.83 -23.77
CA ILE B 293 -1.59 23.39 -23.23
C ILE B 293 -1.70 21.98 -22.67
N VAL B 294 -0.73 21.13 -22.99
CA VAL B 294 -0.65 19.80 -22.42
C VAL B 294 0.32 19.82 -21.26
N TRP B 295 -0.17 19.53 -20.07
CA TRP B 295 0.63 19.62 -18.86
C TRP B 295 1.05 18.25 -18.33
N ASP B 296 2.16 18.24 -17.60
CA ASP B 296 2.58 17.06 -16.85
C ASP B 296 2.51 17.42 -15.36
N VAL B 297 1.41 17.07 -14.72
CA VAL B 297 1.15 17.50 -13.35
C VAL B 297 2.00 16.76 -12.32
N ALA B 298 2.79 15.79 -12.78
CA ALA B 298 3.76 15.14 -11.92
C ALA B 298 5.01 16.01 -11.84
N GLN B 299 5.37 16.61 -12.98
CA GLN B 299 6.53 17.48 -13.05
C GLN B 299 6.13 18.94 -12.94
N MET B 300 4.83 19.20 -13.05
CA MET B 300 4.30 20.57 -13.09
C MET B 300 4.98 21.38 -14.18
N LYS B 301 5.04 20.81 -15.38
CA LYS B 301 5.70 21.46 -16.50
C LYS B 301 4.84 21.41 -17.75
N CYS B 302 4.98 22.42 -18.60
CA CYS B 302 4.31 22.45 -19.90
C CYS B 302 5.02 21.52 -20.87
N LEU B 303 4.25 20.66 -21.53
CA LEU B 303 4.81 19.72 -22.50
C LEU B 303 4.68 20.27 -23.91
N TYR B 304 3.46 20.68 -24.27
CA TYR B 304 3.20 21.24 -25.58
C TYR B 304 2.26 22.43 -25.50
N ILE B 305 2.39 23.33 -26.46
CA ILE B 305 1.41 24.38 -26.67
C ILE B 305 0.78 24.13 -28.02
N LEU B 306 -0.54 23.94 -28.02
CA LEU B 306 -1.25 23.63 -29.25
C LEU B 306 -1.84 24.90 -29.85
N SER B 307 -1.14 25.44 -30.85
CA SER B 307 -1.52 26.70 -31.48
C SER B 307 -2.05 26.44 -32.88
N GLY B 308 -2.97 27.28 -33.33
CA GLY B 308 -3.54 27.13 -34.66
C GLY B 308 -4.98 27.58 -34.76
N HIS B 309 -5.77 27.36 -33.71
CA HIS B 309 -7.14 27.86 -33.68
C HIS B 309 -7.11 29.37 -33.79
N THR B 310 -8.11 29.95 -34.45
CA THR B 310 -8.14 31.38 -34.66
C THR B 310 -9.13 32.08 -33.71
N ASP B 311 -9.69 31.31 -32.79
CA ASP B 311 -10.60 31.87 -31.80
C ASP B 311 -10.69 31.02 -30.53
N ARG B 312 -11.48 31.48 -29.57
CA ARG B 312 -11.60 30.84 -28.25
C ARG B 312 -11.75 29.32 -28.27
N ILE B 313 -11.07 28.66 -27.35
CA ILE B 313 -11.29 27.24 -27.13
C ILE B 313 -12.36 27.09 -26.06
N TYR B 314 -13.40 26.32 -26.36
CA TYR B 314 -14.52 26.16 -25.44
C TYR B 314 -14.56 24.78 -24.80
N SER B 315 -13.97 23.80 -25.45
CA SER B 315 -14.03 22.42 -24.97
C SER B 315 -12.82 21.62 -25.43
N THR B 316 -12.30 20.80 -24.53
CA THR B 316 -11.26 19.85 -24.91
C THR B 316 -11.44 18.49 -24.25
N ILE B 317 -11.01 17.45 -24.95
CA ILE B 317 -10.98 16.11 -24.39
C ILE B 317 -9.59 15.53 -24.57
N TYR B 318 -9.04 14.99 -23.49
CA TYR B 318 -7.81 14.22 -23.59
C TYR B 318 -8.14 12.76 -23.86
N ASP B 319 -7.94 12.33 -25.11
CA ASP B 319 -8.12 10.94 -25.48
C ASP B 319 -6.86 10.19 -25.05
N HIS B 320 -6.87 9.65 -23.82
CA HIS B 320 -5.69 8.99 -23.27
C HIS B 320 -5.48 7.60 -23.86
N GLU B 321 -6.56 6.97 -24.31
CA GLU B 321 -6.44 5.66 -24.93
C GLU B 321 -5.59 5.72 -26.20
N ARG B 322 -5.79 6.76 -27.00
CA ARG B 322 -5.08 6.90 -28.26
C ARG B 322 -3.94 7.90 -28.17
N LYS B 323 -3.80 8.52 -26.99
CA LYS B 323 -2.81 9.58 -26.77
C LYS B 323 -3.00 10.73 -27.74
N ARG B 324 -4.20 11.30 -27.74
CA ARG B 324 -4.54 12.41 -28.61
C ARG B 324 -5.29 13.49 -27.83
N CYS B 325 -5.35 14.67 -28.43
CA CYS B 325 -6.17 15.74 -27.88
C CYS B 325 -7.18 16.20 -28.91
N ILE B 326 -8.41 16.43 -28.46
CA ILE B 326 -9.46 16.96 -29.30
C ILE B 326 -9.85 18.33 -28.76
N SER B 327 -9.91 19.32 -29.65
CA SER B 327 -10.21 20.69 -29.24
C SER B 327 -11.35 21.27 -30.06
N ALA B 328 -12.24 22.01 -29.39
CA ALA B 328 -13.39 22.61 -30.06
C ALA B 328 -13.38 24.11 -29.85
N SER B 329 -13.63 24.87 -30.91
CA SER B 329 -13.40 26.31 -30.86
C SER B 329 -14.53 27.17 -31.38
N MET B 330 -14.48 28.45 -31.02
CA MET B 330 -15.41 29.44 -31.53
C MET B 330 -15.18 29.67 -33.03
N ASP B 331 -14.03 29.23 -33.52
CA ASP B 331 -13.74 29.34 -34.96
C ASP B 331 -14.48 28.30 -35.81
N THR B 332 -15.39 27.57 -35.16
CA THR B 332 -16.23 26.55 -35.79
C THR B 332 -15.50 25.26 -36.14
N THR B 333 -14.21 25.19 -35.85
CA THR B 333 -13.44 24.00 -36.21
C THR B 333 -13.18 23.11 -35.01
N ILE B 334 -12.93 21.83 -35.29
CA ILE B 334 -12.48 20.88 -34.30
C ILE B 334 -11.11 20.38 -34.73
N ARG B 335 -10.15 20.38 -33.81
CA ARG B 335 -8.81 19.92 -34.14
C ARG B 335 -8.42 18.66 -33.37
N ILE B 336 -7.73 17.76 -34.06
CA ILE B 336 -7.20 16.55 -33.46
C ILE B 336 -5.69 16.67 -33.40
N TRP B 337 -5.13 16.49 -32.21
CA TRP B 337 -3.70 16.66 -32.02
C TRP B 337 -3.03 15.35 -31.57
N ASP B 338 -1.81 15.12 -32.05
CA ASP B 338 -1.04 13.95 -31.63
C ASP B 338 -0.22 14.30 -30.40
N LEU B 339 -0.56 13.71 -29.26
CA LEU B 339 0.12 14.06 -28.02
C LEU B 339 1.43 13.28 -27.80
N GLU B 340 1.90 12.62 -28.86
CA GLU B 340 3.20 11.96 -28.80
C GLU B 340 4.28 12.93 -29.28
N ASN B 341 3.87 13.90 -30.10
CA ASN B 341 4.81 14.87 -30.64
C ASN B 341 4.30 16.32 -30.61
N GLY B 342 3.03 16.50 -30.23
CA GLY B 342 2.45 17.83 -30.14
C GLY B 342 2.01 18.36 -31.50
N GLU B 343 1.85 17.46 -32.46
CA GLU B 343 1.53 17.84 -33.83
C GLU B 343 0.03 17.81 -34.12
N LEU B 344 -0.40 18.72 -34.98
CA LEU B 344 -1.76 18.70 -35.52
C LEU B 344 -1.93 17.44 -36.38
N MET B 345 -3.04 16.74 -36.20
CA MET B 345 -3.35 15.59 -37.03
C MET B 345 -4.43 15.95 -38.04
N TYR B 346 -5.59 16.37 -37.54
CA TYR B 346 -6.73 16.67 -38.40
C TYR B 346 -7.47 17.95 -37.99
N THR B 347 -8.04 18.62 -38.98
CA THR B 347 -9.01 19.67 -38.72
C THR B 347 -10.37 19.22 -39.26
N LEU B 348 -11.35 19.17 -38.38
CA LEU B 348 -12.69 18.73 -38.77
C LEU B 348 -13.57 19.96 -38.94
N GLN B 349 -14.22 20.05 -40.10
CA GLN B 349 -15.09 21.18 -40.41
C GLN B 349 -16.51 20.68 -40.68
N GLY B 350 -17.35 20.66 -39.64
CA GLY B 350 -18.71 20.18 -39.78
C GLY B 350 -19.73 21.03 -39.05
N HIS B 351 -19.32 22.24 -38.67
CA HIS B 351 -20.18 23.18 -37.97
C HIS B 351 -19.93 24.57 -38.54
N THR B 352 -20.96 25.41 -38.52
CA THR B 352 -20.83 26.79 -38.99
C THR B 352 -21.01 27.78 -37.86
N ALA B 353 -20.85 27.30 -36.64
CA ALA B 353 -20.96 28.16 -35.47
C ALA B 353 -20.01 27.70 -34.37
N LEU B 354 -20.01 28.41 -33.25
CA LEU B 354 -19.22 28.05 -32.07
C LEU B 354 -19.40 26.57 -31.71
N VAL B 355 -18.29 25.83 -31.68
CA VAL B 355 -18.35 24.45 -31.18
C VAL B 355 -17.92 24.43 -29.72
N GLY B 356 -18.87 24.23 -28.82
CA GLY B 356 -18.60 24.30 -27.40
C GLY B 356 -18.80 23.02 -26.62
N LEU B 357 -19.21 21.95 -27.29
CA LEU B 357 -19.49 20.70 -26.59
C LEU B 357 -18.86 19.50 -27.29
N LEU B 358 -18.15 18.69 -26.51
CA LEU B 358 -17.49 17.49 -27.03
C LEU B 358 -17.72 16.32 -26.10
N ARG B 359 -17.95 15.14 -26.69
CA ARG B 359 -18.02 13.90 -25.93
C ARG B 359 -17.33 12.80 -26.70
N LEU B 360 -16.72 11.86 -25.97
CA LEU B 360 -16.06 10.73 -26.59
C LEU B 360 -16.59 9.44 -26.02
N SER B 361 -17.23 8.63 -26.87
CA SER B 361 -17.60 7.27 -26.48
C SER B 361 -16.58 6.33 -27.12
N ASP B 362 -16.72 5.04 -26.87
CA ASP B 362 -15.78 4.06 -27.40
C ASP B 362 -15.60 4.15 -28.92
N LYS B 363 -16.68 4.44 -29.64
CA LYS B 363 -16.61 4.47 -31.10
C LYS B 363 -16.88 5.83 -31.74
N PHE B 364 -17.44 6.77 -30.98
CA PHE B 364 -17.81 8.07 -31.55
C PHE B 364 -17.16 9.25 -30.84
N LEU B 365 -16.56 10.16 -31.59
CA LEU B 365 -16.33 11.51 -31.10
C LEU B 365 -17.57 12.29 -31.49
N VAL B 366 -18.18 12.98 -30.53
CA VAL B 366 -19.41 13.73 -30.83
C VAL B 366 -19.25 15.20 -30.49
N SER B 367 -19.72 16.06 -31.39
CA SER B 367 -19.59 17.50 -31.22
C SER B 367 -20.91 18.21 -31.49
N ALA B 368 -21.14 19.30 -30.77
CA ALA B 368 -22.39 20.04 -30.86
C ALA B 368 -22.09 21.54 -30.89
N ALA B 369 -22.84 22.27 -31.70
CA ALA B 369 -22.53 23.67 -31.97
C ALA B 369 -23.69 24.60 -31.68
N ALA B 370 -23.42 25.91 -31.67
CA ALA B 370 -24.41 26.92 -31.30
C ALA B 370 -25.45 27.19 -32.37
N ASP B 371 -25.36 26.49 -33.50
CA ASP B 371 -26.35 26.62 -34.57
C ASP B 371 -27.35 25.48 -34.52
N GLY B 372 -27.23 24.63 -33.50
CA GLY B 372 -28.14 23.51 -33.32
C GLY B 372 -27.69 22.23 -34.01
N SER B 373 -26.48 22.25 -34.56
CA SER B 373 -25.96 21.08 -35.25
C SER B 373 -25.21 20.15 -34.30
N ILE B 374 -25.32 18.86 -34.55
CA ILE B 374 -24.60 17.84 -33.81
C ILE B 374 -23.94 16.92 -34.83
N ARG B 375 -22.66 16.59 -34.61
CA ARG B 375 -21.93 15.73 -35.53
C ARG B 375 -21.29 14.54 -34.83
N GLY B 376 -21.40 13.38 -35.46
CA GLY B 376 -20.73 12.19 -34.98
C GLY B 376 -19.57 11.80 -35.87
N TRP B 377 -18.40 11.65 -35.27
CA TRP B 377 -17.21 11.24 -36.01
C TRP B 377 -16.68 9.95 -35.43
N ASP B 378 -16.12 9.10 -36.28
CA ASP B 378 -15.51 7.87 -35.82
C ASP B 378 -14.40 8.21 -34.83
N ALA B 379 -14.39 7.53 -33.69
CA ALA B 379 -13.46 7.90 -32.63
C ALA B 379 -12.00 7.63 -33.00
N ASN B 380 -11.78 6.85 -34.05
CA ASN B 380 -10.41 6.50 -34.42
C ASN B 380 -9.90 7.22 -35.68
N ASP B 381 -10.70 7.24 -36.74
CA ASP B 381 -10.27 7.90 -37.98
C ASP B 381 -11.09 9.14 -38.35
N TYR B 382 -12.08 9.48 -37.52
CA TYR B 382 -12.84 10.72 -37.66
C TYR B 382 -13.61 10.87 -38.97
N SER B 383 -13.90 9.74 -39.62
CA SER B 383 -14.84 9.73 -40.73
C SER B 383 -16.23 10.06 -40.19
N ARG B 384 -17.08 10.59 -41.05
CA ARG B 384 -18.41 11.04 -40.64
C ARG B 384 -19.37 9.88 -40.40
N LYS B 385 -19.91 9.81 -39.18
CA LYS B 385 -20.79 8.69 -38.83
C LYS B 385 -22.25 9.12 -38.76
N PHE B 386 -22.50 10.29 -38.17
CA PHE B 386 -23.86 10.82 -38.12
C PHE B 386 -23.94 12.34 -38.05
N SER B 387 -25.11 12.86 -38.38
CA SER B 387 -25.32 14.31 -38.41
C SER B 387 -26.76 14.60 -37.99
N TYR B 388 -26.91 15.49 -37.01
CA TYR B 388 -28.24 15.87 -36.55
C TYR B 388 -28.37 17.38 -36.38
N HIS B 389 -29.60 17.87 -36.41
CA HIS B 389 -29.86 19.29 -36.24
C HIS B 389 -31.21 19.50 -35.56
N HIS B 390 -31.21 20.25 -34.45
CA HIS B 390 -32.46 20.60 -33.81
C HIS B 390 -33.25 21.53 -34.74
N THR B 391 -34.50 21.19 -35.00
CA THR B 391 -35.29 21.84 -36.04
C THR B 391 -35.57 23.32 -35.79
N ASN B 392 -35.50 23.76 -34.53
CA ASN B 392 -35.73 25.17 -34.25
C ASN B 392 -34.44 25.99 -34.34
N LEU B 393 -33.36 25.31 -34.72
CA LEU B 393 -32.08 25.97 -34.98
C LEU B 393 -31.56 26.72 -33.76
N SER B 394 -31.96 26.27 -32.58
CA SER B 394 -31.48 26.85 -31.34
C SER B 394 -30.16 26.20 -30.96
N ALA B 395 -29.33 26.96 -30.25
CA ALA B 395 -28.02 26.49 -29.81
C ALA B 395 -28.14 25.24 -28.94
N ILE B 396 -27.28 24.25 -29.18
CA ILE B 396 -27.26 23.07 -28.33
C ILE B 396 -26.67 23.44 -26.96
N THR B 397 -27.46 23.24 -25.92
CA THR B 397 -27.02 23.59 -24.57
C THR B 397 -26.34 22.41 -23.88
N THR B 398 -26.78 21.20 -24.22
CA THR B 398 -26.22 19.99 -23.61
C THR B 398 -26.55 18.75 -24.43
N PHE B 399 -25.69 17.75 -24.33
CA PHE B 399 -26.01 16.43 -24.87
C PHE B 399 -25.20 15.38 -24.13
N TYR B 400 -25.63 14.12 -24.24
CA TYR B 400 -24.88 13.02 -23.68
C TYR B 400 -24.99 11.88 -24.66
N VAL B 401 -23.99 10.99 -24.64
CA VAL B 401 -23.93 9.99 -25.69
C VAL B 401 -23.25 8.68 -25.26
N SER B 402 -23.72 7.59 -25.84
CA SER B 402 -23.05 6.30 -25.75
C SER B 402 -22.94 5.78 -27.17
N ASP B 403 -22.45 4.55 -27.34
CA ASP B 403 -22.35 3.96 -28.66
C ASP B 403 -23.73 3.71 -29.25
N ASN B 404 -24.73 3.58 -28.39
CA ASN B 404 -26.08 3.22 -28.82
C ASN B 404 -27.07 4.38 -28.87
N ILE B 405 -26.88 5.37 -28.01
CA ILE B 405 -27.88 6.41 -27.79
C ILE B 405 -27.26 7.81 -27.76
N LEU B 406 -27.92 8.75 -28.42
CA LEU B 406 -27.63 10.18 -28.25
C LEU B 406 -28.86 10.88 -27.66
N VAL B 407 -28.65 11.64 -26.60
CA VAL B 407 -29.70 12.50 -26.04
C VAL B 407 -29.19 13.93 -26.10
N SER B 408 -29.95 14.83 -26.71
CA SER B 408 -29.51 16.22 -26.85
C SER B 408 -30.58 17.22 -26.39
N GLY B 409 -30.13 18.39 -25.97
CA GLY B 409 -31.05 19.39 -25.46
C GLY B 409 -30.76 20.81 -25.93
N SER B 410 -31.83 21.57 -26.10
CA SER B 410 -31.73 22.99 -26.41
C SER B 410 -33.07 23.61 -26.08
N GLU B 411 -33.21 24.91 -26.34
CA GLU B 411 -34.45 25.61 -26.05
C GLU B 411 -35.65 24.91 -26.67
N ASN B 412 -36.60 24.54 -25.81
CA ASN B 412 -37.83 23.84 -26.21
C ASN B 412 -37.66 22.45 -26.81
N GLN B 413 -36.43 21.93 -26.79
CA GLN B 413 -36.17 20.63 -27.41
C GLN B 413 -35.38 19.65 -26.55
N PHE B 414 -35.84 18.42 -26.51
CA PHE B 414 -35.17 17.33 -25.81
C PHE B 414 -35.35 16.10 -26.67
N ASN B 415 -34.26 15.65 -27.29
CA ASN B 415 -34.33 14.57 -28.28
C ASN B 415 -33.51 13.33 -27.92
N ILE B 416 -34.07 12.16 -28.22
CA ILE B 416 -33.38 10.90 -28.02
C ILE B 416 -33.22 10.22 -29.38
N TYR B 417 -31.97 9.97 -29.77
CA TYR B 417 -31.70 9.36 -31.08
C TYR B 417 -31.13 7.94 -30.98
N ASN B 418 -31.64 7.05 -31.82
CA ASN B 418 -31.06 5.73 -32.02
C ASN B 418 -29.87 5.85 -32.97
N LEU B 419 -28.67 5.66 -32.46
CA LEU B 419 -27.46 5.83 -33.27
C LEU B 419 -27.22 4.67 -34.25
N ARG B 420 -27.87 3.54 -34.03
CA ARG B 420 -27.76 2.42 -34.97
C ARG B 420 -28.57 2.68 -36.24
N SER B 421 -29.84 3.04 -36.06
CA SER B 421 -30.74 3.26 -37.18
C SER B 421 -30.64 4.71 -37.66
N GLY B 422 -30.05 5.55 -36.83
CA GLY B 422 -29.93 6.97 -37.14
C GLY B 422 -31.21 7.75 -36.94
N LYS B 423 -32.22 7.09 -36.38
CA LYS B 423 -33.54 7.71 -36.27
C LYS B 423 -33.87 8.28 -34.88
N LEU B 424 -34.66 9.33 -34.90
CA LEU B 424 -35.18 9.94 -33.68
C LEU B 424 -36.17 9.00 -33.04
N VAL B 425 -35.99 8.68 -31.76
CA VAL B 425 -36.89 7.79 -31.06
C VAL B 425 -37.99 8.57 -30.35
N HIS B 426 -37.58 9.60 -29.62
CA HIS B 426 -38.51 10.45 -28.89
C HIS B 426 -38.10 11.91 -28.98
N ALA B 427 -39.09 12.77 -29.23
CA ALA B 427 -38.85 14.21 -29.31
C ALA B 427 -39.67 14.98 -28.28
N ASN B 428 -40.55 14.29 -27.57
CA ASN B 428 -41.51 14.97 -26.69
C ASN B 428 -41.55 14.57 -25.22
N ILE B 429 -40.62 13.73 -24.79
CA ILE B 429 -40.63 13.23 -23.41
C ILE B 429 -40.59 14.36 -22.38
N LEU B 430 -39.78 15.38 -22.64
CA LEU B 430 -39.71 16.55 -21.76
C LEU B 430 -40.24 17.78 -22.49
N LYS B 431 -41.37 17.61 -23.15
CA LYS B 431 -42.00 18.65 -23.97
C LYS B 431 -42.23 19.95 -23.20
N ASP B 432 -42.60 19.84 -21.92
CA ASP B 432 -42.96 21.02 -21.13
C ASP B 432 -41.74 21.84 -20.68
N ALA B 433 -40.54 21.29 -20.89
CA ALA B 433 -39.32 22.01 -20.55
C ALA B 433 -39.10 23.19 -21.50
N ASP B 434 -38.60 24.31 -20.99
CA ASP B 434 -38.27 25.47 -21.82
C ASP B 434 -36.79 25.45 -22.19
N GLN B 435 -35.96 24.99 -21.26
CA GLN B 435 -34.53 24.82 -21.51
C GLN B 435 -34.05 23.51 -20.92
N ILE B 436 -33.05 22.91 -21.56
CA ILE B 436 -32.37 21.75 -21.00
C ILE B 436 -30.95 22.17 -20.65
N TRP B 437 -30.66 22.31 -19.36
CA TRP B 437 -29.36 22.82 -18.95
C TRP B 437 -28.29 21.74 -18.95
N SER B 438 -28.65 20.55 -18.55
CA SER B 438 -27.68 19.46 -18.48
C SER B 438 -28.37 18.11 -18.58
N VAL B 439 -27.80 17.22 -19.37
CA VAL B 439 -28.34 15.87 -19.51
C VAL B 439 -27.24 14.82 -19.35
N ASN B 440 -27.59 13.71 -18.73
CA ASN B 440 -26.64 12.65 -18.45
C ASN B 440 -27.42 11.36 -18.32
N PHE B 441 -26.90 10.26 -18.86
CA PHE B 441 -27.57 8.98 -18.67
C PHE B 441 -26.58 7.83 -18.51
N LYS B 442 -27.04 6.79 -17.83
CA LYS B 442 -26.29 5.55 -17.72
C LYS B 442 -27.28 4.42 -17.54
N GLY B 443 -27.23 3.44 -18.44
CA GLY B 443 -28.13 2.30 -18.37
C GLY B 443 -29.60 2.67 -18.42
N LYS B 444 -30.33 2.34 -17.36
CA LYS B 444 -31.77 2.51 -17.33
C LYS B 444 -32.19 3.92 -16.91
N THR B 445 -31.23 4.73 -16.51
CA THR B 445 -31.54 6.02 -15.91
C THR B 445 -31.04 7.20 -16.73
N LEU B 446 -31.96 8.11 -17.04
CA LEU B 446 -31.62 9.34 -17.75
C LEU B 446 -32.01 10.52 -16.87
N VAL B 447 -31.08 11.44 -16.63
CA VAL B 447 -31.37 12.62 -15.82
C VAL B 447 -31.15 13.92 -16.57
N ALA B 448 -31.99 14.91 -16.31
CA ALA B 448 -31.87 16.22 -16.93
C ALA B 448 -32.24 17.37 -16.02
N ALA B 449 -31.36 18.36 -15.95
CA ALA B 449 -31.63 19.61 -15.26
C ALA B 449 -32.28 20.55 -16.26
N VAL B 450 -33.51 20.95 -15.96
CA VAL B 450 -34.28 21.73 -16.92
C VAL B 450 -34.83 23.01 -16.31
N GLU B 451 -35.35 23.87 -17.18
CA GLU B 451 -36.06 25.07 -16.77
C GLU B 451 -37.47 24.99 -17.34
N LYS B 452 -38.44 25.36 -16.51
CA LYS B 452 -39.82 25.44 -16.96
C LYS B 452 -40.55 26.56 -16.24
N ASP B 453 -41.02 27.53 -17.01
CA ASP B 453 -41.76 28.68 -16.49
C ASP B 453 -41.01 29.41 -15.39
N GLY B 454 -39.74 29.72 -15.63
CA GLY B 454 -38.96 30.53 -14.72
C GLY B 454 -38.44 29.81 -13.49
N GLN B 455 -38.47 28.48 -13.51
CA GLN B 455 -37.96 27.68 -12.40
C GLN B 455 -37.13 26.50 -12.88
N SER B 456 -36.17 26.07 -12.06
CA SER B 456 -35.37 24.90 -12.42
C SER B 456 -35.93 23.64 -11.78
N PHE B 457 -35.86 22.55 -12.51
CA PHE B 457 -36.31 21.26 -12.02
C PHE B 457 -35.29 20.20 -12.39
N LEU B 458 -35.26 19.11 -11.64
CA LEU B 458 -34.50 17.93 -12.03
C LEU B 458 -35.47 16.88 -12.55
N GLU B 459 -35.24 16.42 -13.76
CA GLU B 459 -36.06 15.38 -14.36
C GLU B 459 -35.31 14.06 -14.32
N ILE B 460 -36.01 13.01 -13.89
CA ILE B 460 -35.44 11.66 -13.88
C ILE B 460 -36.31 10.70 -14.67
N LEU B 461 -35.73 10.11 -15.72
CA LEU B 461 -36.44 9.18 -16.59
C LEU B 461 -35.93 7.75 -16.40
N ASP B 462 -36.86 6.83 -16.23
CA ASP B 462 -36.55 5.44 -15.90
C ASP B 462 -36.92 4.52 -17.07
N PHE B 463 -35.93 3.89 -17.68
CA PHE B 463 -36.15 3.02 -18.84
C PHE B 463 -36.15 1.52 -18.51
N SER B 464 -36.26 1.19 -17.23
CA SER B 464 -36.48 -0.20 -16.84
C SER B 464 -37.97 -0.55 -16.79
N SER C 7 -8.13 -15.44 -15.66
CA SER C 7 -8.75 -16.68 -15.22
C SER C 7 -9.34 -16.54 -13.82
N ASN C 8 -10.24 -17.44 -13.46
CA ASN C 8 -10.92 -17.39 -12.16
C ASN C 8 -10.69 -18.65 -11.34
N VAL C 9 -10.99 -18.56 -10.06
CA VAL C 9 -11.07 -19.74 -9.21
C VAL C 9 -12.44 -19.75 -8.53
N VAL C 10 -12.81 -20.89 -7.95
CA VAL C 10 -14.04 -20.99 -7.18
C VAL C 10 -13.71 -21.32 -5.73
N LEU C 11 -14.21 -20.49 -4.82
CA LEU C 11 -14.08 -20.76 -3.39
C LEU C 11 -15.42 -21.26 -2.85
N VAL C 12 -15.41 -22.41 -2.19
CA VAL C 12 -16.66 -23.01 -1.71
C VAL C 12 -16.84 -22.75 -0.22
N SER C 13 -17.97 -22.14 0.14
CA SER C 13 -18.26 -21.84 1.54
C SER C 13 -18.70 -23.11 2.25
N GLY C 14 -18.68 -23.07 3.59
CA GLY C 14 -19.14 -24.19 4.39
C GLY C 14 -20.60 -24.54 4.13
N GLU C 15 -21.33 -23.59 3.57
CA GLU C 15 -22.73 -23.84 3.19
C GLU C 15 -22.82 -24.42 1.78
N GLY C 16 -21.67 -24.67 1.16
CA GLY C 16 -21.62 -25.30 -0.15
C GLY C 16 -21.89 -24.35 -1.31
N GLU C 17 -21.78 -23.04 -1.05
CA GLU C 17 -22.01 -22.06 -2.12
C GLU C 17 -20.71 -21.67 -2.82
N ARG C 18 -20.80 -21.57 -4.14
CA ARG C 18 -19.63 -21.34 -4.99
C ARG C 18 -19.43 -19.85 -5.22
N PHE C 19 -18.28 -19.35 -4.80
CA PHE C 19 -17.91 -17.97 -5.07
C PHE C 19 -16.83 -17.93 -6.14
N THR C 20 -17.15 -17.35 -7.27
CA THR C 20 -16.19 -17.20 -8.36
C THR C 20 -15.43 -15.90 -8.18
N VAL C 21 -14.11 -15.97 -8.20
CA VAL C 21 -13.29 -14.79 -7.96
C VAL C 21 -12.05 -14.81 -8.85
N ASP C 22 -11.66 -13.66 -9.37
CA ASP C 22 -10.48 -13.56 -10.23
C ASP C 22 -9.26 -14.17 -9.52
N LYS C 23 -8.43 -14.88 -10.29
CA LYS C 23 -7.34 -15.66 -9.69
C LYS C 23 -6.27 -14.80 -9.00
N LYS C 24 -5.82 -13.76 -9.68
CA LYS C 24 -4.80 -12.88 -9.14
C LYS C 24 -5.29 -12.24 -7.83
N ILE C 25 -6.56 -11.87 -7.82
CA ILE C 25 -7.17 -11.28 -6.63
C ILE C 25 -7.26 -12.30 -5.49
N ALA C 26 -7.67 -13.52 -5.82
CA ALA C 26 -7.83 -14.58 -4.83
C ALA C 26 -6.50 -15.01 -4.22
N GLU C 27 -5.41 -14.76 -4.92
CA GLU C 27 -4.08 -15.12 -4.43
C GLU C 27 -3.65 -14.29 -3.23
N ARG C 28 -4.48 -13.31 -2.88
CA ARG C 28 -4.33 -12.60 -1.61
C ARG C 28 -4.34 -13.63 -0.49
N SER C 29 -5.16 -14.67 -0.65
CA SER C 29 -5.11 -15.83 0.21
C SER C 29 -3.90 -16.67 -0.15
N LEU C 30 -2.95 -16.78 0.78
CA LEU C 30 -1.76 -17.57 0.54
C LEU C 30 -2.10 -19.07 0.51
N LEU C 31 -3.18 -19.43 1.19
CA LEU C 31 -3.64 -20.82 1.16
C LEU C 31 -4.09 -21.17 -0.25
N LEU C 32 -4.81 -20.26 -0.89
CA LEU C 32 -5.25 -20.43 -2.26
C LEU C 32 -4.04 -20.43 -3.20
N LYS C 33 -3.10 -19.53 -2.93
CA LYS C 33 -1.92 -19.36 -3.76
C LYS C 33 -1.05 -20.63 -3.75
N ASN C 34 -0.94 -21.27 -2.59
CA ASN C 34 -0.17 -22.50 -2.48
C ASN C 34 -0.96 -23.72 -2.97
N TYR C 35 -2.28 -23.63 -2.88
CA TYR C 35 -3.17 -24.69 -3.36
C TYR C 35 -2.98 -24.87 -4.84
N LEU C 36 -2.63 -23.78 -5.52
CA LEU C 36 -2.24 -23.86 -6.92
C LEU C 36 -0.91 -24.57 -7.03
N ASN C 37 -0.96 -25.90 -7.08
CA ASN C 37 0.23 -26.73 -7.33
C ASN C 37 -0.12 -28.17 -7.71
N ASP C 48 -10.10 -28.85 -15.22
CA ASP C 48 -9.26 -27.70 -15.52
C ASP C 48 -9.61 -26.50 -14.64
N GLU C 49 -10.90 -26.32 -14.37
CA GLU C 49 -11.37 -25.26 -13.48
C GLU C 49 -10.89 -25.54 -12.06
N ILE C 50 -10.45 -24.50 -11.37
CA ILE C 50 -9.87 -24.66 -10.03
C ILE C 50 -10.82 -24.27 -8.91
N VAL C 51 -11.13 -25.25 -8.05
CA VAL C 51 -12.12 -25.09 -7.00
C VAL C 51 -11.50 -25.45 -5.65
N MET C 52 -11.44 -24.48 -4.74
CA MET C 52 -10.88 -24.74 -3.42
C MET C 52 -11.93 -24.66 -2.32
N PRO C 53 -12.04 -25.72 -1.51
CA PRO C 53 -12.96 -25.74 -0.36
C PRO C 53 -12.53 -24.74 0.70
N VAL C 54 -13.51 -24.10 1.33
CA VAL C 54 -13.26 -23.28 2.51
C VAL C 54 -14.17 -23.77 3.62
N PRO C 55 -13.80 -24.92 4.23
CA PRO C 55 -14.65 -25.61 5.20
C PRO C 55 -14.97 -24.77 6.42
N ASN C 56 -16.20 -24.89 6.92
CA ASN C 56 -16.62 -24.27 8.17
C ASN C 56 -16.60 -22.74 8.18
N VAL C 57 -16.65 -22.16 6.99
CA VAL C 57 -16.81 -20.71 6.85
C VAL C 57 -18.11 -20.45 6.12
N ARG C 58 -19.05 -19.80 6.80
CA ARG C 58 -20.35 -19.57 6.18
C ARG C 58 -20.29 -18.55 5.05
N SER C 59 -21.28 -18.62 4.16
CA SER C 59 -21.29 -17.83 2.92
C SER C 59 -21.14 -16.33 3.15
N SER C 60 -21.93 -15.80 4.07
CA SER C 60 -21.90 -14.37 4.34
C SER C 60 -20.50 -13.91 4.78
N VAL C 61 -19.79 -14.80 5.48
CA VAL C 61 -18.44 -14.50 5.94
C VAL C 61 -17.43 -14.55 4.77
N LEU C 62 -17.51 -15.61 3.98
CA LEU C 62 -16.63 -15.75 2.82
C LEU C 62 -16.89 -14.64 1.80
N GLN C 63 -18.14 -14.24 1.66
CA GLN C 63 -18.50 -13.16 0.74
C GLN C 63 -17.83 -11.86 1.20
N LYS C 64 -17.84 -11.65 2.51
CA LYS C 64 -17.23 -10.48 3.11
C LYS C 64 -15.72 -10.47 2.86
N VAL C 65 -15.08 -11.61 3.11
CA VAL C 65 -13.63 -11.76 2.89
C VAL C 65 -13.24 -11.47 1.43
N ILE C 66 -14.03 -11.99 0.50
CA ILE C 66 -13.79 -11.76 -0.91
C ILE C 66 -14.02 -10.31 -1.29
N GLU C 67 -15.04 -9.69 -0.71
CA GLU C 67 -15.29 -8.28 -0.95
C GLU C 67 -14.07 -7.46 -0.51
N TRP C 68 -13.49 -7.84 0.62
CA TRP C 68 -12.30 -7.18 1.12
C TRP C 68 -11.14 -7.38 0.16
N ALA C 69 -10.98 -8.59 -0.34
CA ALA C 69 -9.89 -8.90 -1.25
C ALA C 69 -10.02 -8.13 -2.56
N GLU C 70 -11.22 -8.11 -3.10
CA GLU C 70 -11.48 -7.42 -4.36
C GLU C 70 -11.26 -5.91 -4.22
N HIS C 71 -11.64 -5.36 -3.07
CA HIS C 71 -11.44 -3.95 -2.80
C HIS C 71 -9.95 -3.60 -2.70
N HIS C 72 -9.17 -4.50 -2.10
CA HIS C 72 -7.74 -4.25 -1.90
C HIS C 72 -6.87 -4.86 -2.99
N ARG C 73 -7.45 -5.09 -4.16
CA ARG C 73 -6.76 -5.71 -5.29
C ARG C 73 -5.48 -4.97 -5.69
N ASP C 74 -5.48 -3.65 -5.54
CA ASP C 74 -4.32 -2.85 -5.90
C ASP C 74 -3.61 -2.33 -4.66
N SER C 75 -3.96 -2.88 -3.50
CA SER C 75 -3.31 -2.47 -2.26
C SER C 75 -2.00 -3.19 -2.03
N ASN C 76 -1.02 -2.47 -1.50
CA ASN C 76 0.21 -3.07 -1.02
C ASN C 76 0.30 -2.87 0.48
N PHE C 77 0.55 -3.95 1.21
CA PHE C 77 0.65 -3.85 2.66
C PHE C 77 2.09 -4.04 3.12
N PRO C 78 2.51 -3.22 4.10
CA PRO C 78 3.88 -3.23 4.63
C PRO C 78 4.26 -4.59 5.22
N LYS C 87 3.01 -0.98 19.03
CA LYS C 87 3.03 -1.35 17.63
C LYS C 87 3.03 -0.10 16.72
N SER C 88 2.65 -0.30 15.46
CA SER C 88 2.53 0.80 14.50
C SER C 88 1.46 0.47 13.45
N ALA C 89 0.83 1.53 12.91
CA ALA C 89 -0.17 1.47 11.83
C ALA C 89 -1.59 1.08 12.24
N PRO C 90 -2.58 1.91 11.85
CA PRO C 90 -4.00 1.72 12.16
C PRO C 90 -4.89 1.46 10.93
N VAL C 91 -6.06 0.90 11.19
CA VAL C 91 -7.04 0.55 10.16
C VAL C 91 -7.56 1.78 9.40
N ASP C 92 -7.57 1.70 8.07
CA ASP C 92 -8.04 2.82 7.24
C ASP C 92 -9.57 2.92 7.21
N SER C 93 -10.08 3.99 6.60
CA SER C 93 -11.51 4.28 6.61
C SER C 93 -12.39 3.15 6.11
N TRP C 94 -12.08 2.63 4.92
CA TRP C 94 -12.90 1.61 4.29
C TRP C 94 -12.89 0.32 5.11
N ASP C 95 -11.70 -0.08 5.56
CA ASP C 95 -11.57 -1.30 6.35
C ASP C 95 -12.34 -1.21 7.66
N ARG C 96 -12.37 -0.01 8.23
CA ARG C 96 -13.06 0.21 9.49
C ARG C 96 -14.56 0.01 9.35
N GLU C 97 -15.13 0.65 8.33
CA GLU C 97 -16.55 0.50 8.03
C GLU C 97 -16.85 -0.95 7.71
N PHE C 98 -15.95 -1.58 6.95
CA PHE C 98 -16.08 -2.99 6.59
C PHE C 98 -16.10 -3.88 7.83
N LEU C 99 -15.35 -3.49 8.85
CA LEU C 99 -15.27 -4.29 10.07
C LEU C 99 -16.26 -3.84 11.15
N LYS C 100 -17.11 -2.88 10.81
CA LYS C 100 -18.17 -2.45 11.72
C LYS C 100 -19.31 -3.47 11.67
N VAL C 101 -19.12 -4.60 12.36
CA VAL C 101 -20.12 -5.66 12.39
C VAL C 101 -20.27 -6.16 13.83
N ASP C 102 -21.20 -7.07 14.06
CA ASP C 102 -21.35 -7.61 15.41
C ASP C 102 -20.18 -8.54 15.73
N GLN C 103 -20.01 -8.83 17.01
CA GLN C 103 -18.84 -9.56 17.48
C GLN C 103 -18.73 -10.95 16.87
N GLU C 104 -19.86 -11.60 16.65
CA GLU C 104 -19.88 -12.93 16.06
C GLU C 104 -19.36 -12.90 14.62
N MET C 105 -19.83 -11.93 13.85
CA MET C 105 -19.36 -11.76 12.48
C MET C 105 -17.86 -11.40 12.46
N LEU C 106 -17.43 -10.55 13.39
CA LEU C 106 -16.02 -10.15 13.45
C LEU C 106 -15.15 -11.34 13.82
N TYR C 107 -15.63 -12.12 14.78
CA TYR C 107 -14.97 -13.34 15.21
C TYR C 107 -14.71 -14.25 14.01
N GLU C 108 -15.72 -14.44 13.18
CA GLU C 108 -15.63 -15.39 12.08
C GLU C 108 -14.86 -14.87 10.88
N ILE C 109 -14.88 -13.56 10.68
CA ILE C 109 -14.05 -12.97 9.66
C ILE C 109 -12.60 -13.21 10.03
N ILE C 110 -12.29 -13.03 11.32
CA ILE C 110 -10.94 -13.27 11.83
C ILE C 110 -10.54 -14.74 11.66
N LEU C 111 -11.47 -15.65 11.95
CA LEU C 111 -11.21 -17.07 11.78
C LEU C 111 -10.96 -17.42 10.31
N ALA C 112 -11.80 -16.87 9.43
CA ALA C 112 -11.68 -17.11 8.00
C ALA C 112 -10.39 -16.55 7.44
N ALA C 113 -10.01 -15.35 7.89
CA ALA C 113 -8.79 -14.73 7.41
C ALA C 113 -7.57 -15.53 7.85
N ASN C 114 -7.65 -16.11 9.04
CA ASN C 114 -6.58 -16.94 9.56
C ASN C 114 -6.42 -18.22 8.76
N TYR C 115 -7.54 -18.90 8.51
CA TYR C 115 -7.53 -20.13 7.73
C TYR C 115 -7.04 -19.91 6.30
N LEU C 116 -7.55 -18.87 5.65
CA LEU C 116 -7.18 -18.57 4.28
C LEU C 116 -5.80 -17.91 4.18
N ASN C 117 -5.19 -17.61 5.32
CA ASN C 117 -3.88 -16.96 5.39
C ASN C 117 -3.86 -15.63 4.64
N ILE C 118 -4.73 -14.72 5.05
CA ILE C 118 -4.72 -13.36 4.55
C ILE C 118 -4.33 -12.46 5.71
N LYS C 119 -3.02 -12.29 5.89
CA LYS C 119 -2.48 -11.54 7.02
C LYS C 119 -3.01 -10.11 7.19
N PRO C 120 -3.04 -9.30 6.11
CA PRO C 120 -3.53 -7.93 6.29
C PRO C 120 -4.97 -7.85 6.80
N LEU C 121 -5.80 -8.79 6.39
CA LEU C 121 -7.18 -8.83 6.88
C LEU C 121 -7.23 -9.36 8.31
N LEU C 122 -6.39 -10.35 8.61
CA LEU C 122 -6.28 -10.85 9.98
C LEU C 122 -5.80 -9.76 10.92
N ASP C 123 -4.77 -9.03 10.49
CA ASP C 123 -4.22 -7.94 11.29
C ASP C 123 -5.26 -6.84 11.55
N ALA C 124 -5.97 -6.43 10.51
CA ALA C 124 -6.98 -5.39 10.64
C ALA C 124 -8.06 -5.80 11.64
N GLY C 125 -8.52 -7.04 11.54
CA GLY C 125 -9.49 -7.58 12.48
C GLY C 125 -8.98 -7.58 13.92
N CYS C 126 -7.73 -7.98 14.11
CA CYS C 126 -7.15 -7.99 15.44
C CYS C 126 -6.98 -6.58 16.00
N LYS C 127 -6.66 -5.62 15.14
CA LYS C 127 -6.56 -4.22 15.54
C LYS C 127 -7.91 -3.70 16.04
N VAL C 128 -8.98 -4.09 15.36
CA VAL C 128 -10.32 -3.66 15.75
C VAL C 128 -10.73 -4.25 17.11
N VAL C 129 -10.31 -5.48 17.39
CA VAL C 129 -10.57 -6.06 18.71
C VAL C 129 -9.76 -5.32 19.76
N ALA C 130 -8.50 -5.04 19.45
CA ALA C 130 -7.64 -4.26 20.35
C ALA C 130 -8.25 -2.89 20.65
N GLU C 131 -8.90 -2.30 19.65
CA GLU C 131 -9.56 -1.00 19.83
C GLU C 131 -10.69 -1.06 20.86
N MET C 132 -11.32 -2.23 20.99
CA MET C 132 -12.41 -2.42 21.94
C MET C 132 -11.90 -2.47 23.38
N ILE C 133 -10.62 -2.83 23.55
CA ILE C 133 -10.04 -3.01 24.87
C ILE C 133 -9.28 -1.76 25.33
N ARG C 134 -8.68 -1.06 24.37
CA ARG C 134 -7.82 0.08 24.65
C ARG C 134 -8.44 1.13 25.59
N GLY C 135 -7.75 1.40 26.69
CA GLY C 135 -8.16 2.43 27.63
C GLY C 135 -9.38 2.10 28.47
N ARG C 136 -9.75 0.82 28.49
CA ARG C 136 -10.92 0.38 29.24
C ARG C 136 -10.53 -0.32 30.53
N SER C 137 -11.31 -0.10 31.58
CA SER C 137 -11.09 -0.78 32.86
C SER C 137 -11.50 -2.24 32.71
N PRO C 138 -11.03 -3.10 33.62
CA PRO C 138 -11.43 -4.52 33.59
C PRO C 138 -12.94 -4.71 33.57
N GLU C 139 -13.68 -3.87 34.29
CA GLU C 139 -15.13 -3.99 34.33
C GLU C 139 -15.76 -3.59 33.00
N GLU C 140 -15.25 -2.51 32.39
CA GLU C 140 -15.76 -2.08 31.09
C GLU C 140 -15.45 -3.12 30.02
N ILE C 141 -14.29 -3.76 30.14
CA ILE C 141 -13.92 -4.83 29.22
C ILE C 141 -14.87 -6.02 29.37
N ARG C 142 -15.16 -6.37 30.61
CA ARG C 142 -16.08 -7.47 30.88
C ARG C 142 -17.46 -7.20 30.30
N ARG C 143 -17.89 -5.95 30.39
CA ARG C 143 -19.21 -5.56 29.91
C ARG C 143 -19.27 -5.59 28.38
N THR C 144 -18.14 -5.24 27.75
CA THR C 144 -18.06 -5.24 26.29
C THR C 144 -18.24 -6.65 25.74
N PHE C 145 -17.58 -7.62 26.36
CA PHE C 145 -17.58 -8.99 25.85
C PHE C 145 -18.49 -9.95 26.62
N ASN C 146 -19.28 -9.42 27.54
CA ASN C 146 -20.12 -10.25 28.43
C ASN C 146 -19.31 -11.32 29.17
N ILE C 147 -18.26 -10.89 29.86
CA ILE C 147 -17.39 -11.81 30.58
C ILE C 147 -17.70 -11.78 32.08
N VAL C 148 -17.83 -12.97 32.67
CA VAL C 148 -18.06 -13.09 34.10
C VAL C 148 -16.75 -12.89 34.85
N ASN C 149 -16.77 -12.06 35.88
CA ASN C 149 -15.65 -11.91 36.79
C ASN C 149 -15.63 -13.15 37.68
N ASP C 150 -14.70 -14.05 37.42
CA ASP C 150 -14.66 -15.32 38.12
C ASP C 150 -13.52 -15.44 39.13
N PHE C 151 -12.96 -14.31 39.54
CA PHE C 151 -11.93 -14.29 40.59
C PHE C 151 -12.57 -14.41 41.96
N THR C 152 -11.95 -15.19 42.84
CA THR C 152 -12.33 -15.17 44.25
C THR C 152 -11.89 -13.82 44.81
N PRO C 153 -12.52 -13.38 45.91
CA PRO C 153 -12.09 -12.12 46.52
C PRO C 153 -10.60 -12.09 46.84
N GLU C 154 -10.05 -13.24 47.21
CA GLU C 154 -8.62 -13.34 47.53
C GLU C 154 -7.77 -13.15 46.28
N GLU C 155 -8.18 -13.82 45.20
CA GLU C 155 -7.42 -13.80 43.97
C GLU C 155 -7.48 -12.41 43.34
N GLU C 156 -8.64 -11.77 43.46
CA GLU C 156 -8.84 -10.47 42.85
C GLU C 156 -7.98 -9.42 43.54
N ALA C 157 -7.85 -9.55 44.86
CA ALA C 157 -7.01 -8.64 45.62
C ALA C 157 -5.54 -8.87 45.28
N ALA C 158 -5.18 -10.13 45.02
CA ALA C 158 -3.79 -10.51 44.76
C ALA C 158 -3.30 -10.01 43.40
N ILE C 159 -4.19 -10.00 42.42
CA ILE C 159 -3.82 -9.56 41.07
C ILE C 159 -3.61 -8.05 41.02
N ARG C 160 -4.39 -7.32 41.81
CA ARG C 160 -4.32 -5.86 41.81
C ARG C 160 -3.05 -5.32 42.47
N ARG C 161 -2.58 -5.98 43.52
CA ARG C 161 -1.35 -5.54 44.18
C ARG C 161 -0.16 -5.76 43.25
N GLU C 162 -0.30 -6.71 42.34
CA GLU C 162 0.77 -7.05 41.41
C GLU C 162 0.63 -6.26 40.10
N ASN C 163 -0.10 -5.15 40.15
CA ASN C 163 -0.33 -4.32 38.97
C ASN C 163 0.96 -3.63 38.51
N LEU D 10 -25.34 -9.14 20.31
CA LEU D 10 -24.98 -10.33 21.09
C LEU D 10 -23.47 -10.53 21.16
N LYS D 11 -22.96 -10.61 22.39
CA LYS D 11 -21.54 -10.51 22.66
C LYS D 11 -20.82 -11.85 22.74
N ARG D 12 -19.50 -11.81 22.52
CA ARG D 12 -18.68 -13.01 22.54
C ARG D 12 -17.31 -12.73 23.14
N ASP D 13 -16.89 -13.56 24.08
CA ASP D 13 -15.54 -13.46 24.62
C ASP D 13 -14.56 -13.89 23.53
N LEU D 14 -14.21 -12.93 22.66
CA LEU D 14 -13.33 -13.20 21.52
C LEU D 14 -11.94 -13.70 21.93
N ILE D 15 -11.40 -13.15 23.01
CA ILE D 15 -10.07 -13.51 23.47
C ILE D 15 -10.00 -14.98 23.91
N THR D 16 -11.05 -15.44 24.56
CA THR D 16 -11.12 -16.84 24.99
C THR D 16 -11.40 -17.75 23.79
N SER D 17 -12.30 -17.31 22.92
CA SER D 17 -12.76 -18.14 21.81
C SER D 17 -11.73 -18.32 20.71
N LEU D 18 -11.03 -17.25 20.36
CA LEU D 18 -10.04 -17.30 19.30
C LEU D 18 -8.92 -18.26 19.66
N PRO D 19 -8.23 -18.80 18.64
CA PRO D 19 -7.02 -19.60 18.90
C PRO D 19 -6.02 -18.76 19.66
N PHE D 20 -5.30 -19.39 20.59
CA PHE D 20 -4.33 -18.72 21.45
C PHE D 20 -3.42 -17.72 20.74
N GLU D 21 -2.91 -18.11 19.57
CA GLU D 21 -1.98 -17.28 18.81
C GLU D 21 -2.62 -16.00 18.29
N ILE D 22 -3.91 -16.05 18.01
CA ILE D 22 -4.60 -14.89 17.48
C ILE D 22 -4.90 -13.88 18.58
N SER D 23 -5.24 -14.38 19.77
CA SER D 23 -5.46 -13.52 20.92
C SER D 23 -4.16 -12.81 21.33
N LEU D 24 -3.05 -13.55 21.29
CA LEU D 24 -1.74 -12.95 21.53
C LEU D 24 -1.50 -11.81 20.56
N LYS D 25 -1.82 -12.05 19.29
CA LYS D 25 -1.67 -11.06 18.24
C LYS D 25 -2.50 -9.81 18.57
N ILE D 26 -3.68 -10.03 19.15
CA ILE D 26 -4.52 -8.91 19.60
C ILE D 26 -3.86 -8.13 20.73
N PHE D 27 -3.34 -8.84 21.72
CA PHE D 27 -2.69 -8.19 22.86
C PHE D 27 -1.43 -7.43 22.47
N ASN D 28 -0.74 -7.89 21.43
CA ASN D 28 0.47 -7.23 20.98
C ASN D 28 0.21 -5.86 20.35
N TYR D 29 -1.05 -5.56 20.02
CA TYR D 29 -1.39 -4.23 19.52
C TYR D 29 -1.69 -3.29 20.67
N LEU D 30 -1.78 -3.84 21.87
CA LEU D 30 -2.19 -3.04 23.02
C LEU D 30 -0.99 -2.47 23.78
N GLN D 31 -1.20 -1.33 24.43
CA GLN D 31 -0.20 -0.74 25.31
C GLN D 31 -0.14 -1.58 26.58
N PHE D 32 0.96 -1.43 27.32
CA PHE D 32 1.14 -2.25 28.52
C PHE D 32 0.05 -2.02 29.56
N GLU D 33 -0.40 -0.77 29.68
CA GLU D 33 -1.51 -0.43 30.58
C GLU D 33 -2.75 -1.31 30.31
N ASP D 34 -3.05 -1.54 29.03
CA ASP D 34 -4.22 -2.33 28.65
C ASP D 34 -4.00 -3.80 28.97
N ILE D 35 -2.76 -4.25 28.87
CA ILE D 35 -2.41 -5.63 29.16
C ILE D 35 -2.47 -5.90 30.66
N ILE D 36 -2.11 -4.89 31.45
CA ILE D 36 -2.21 -5.00 32.91
C ILE D 36 -3.67 -5.10 33.34
N ASN D 37 -4.50 -4.22 32.79
CA ASN D 37 -5.94 -4.31 33.03
C ASN D 37 -6.52 -5.65 32.57
N SER D 38 -6.09 -6.10 31.40
CA SER D 38 -6.55 -7.38 30.85
C SER D 38 -6.24 -8.58 31.75
N LEU D 39 -5.15 -8.49 32.49
CA LEU D 39 -4.80 -9.52 33.48
C LEU D 39 -5.90 -9.67 34.53
N GLY D 40 -6.67 -8.60 34.74
CA GLY D 40 -7.68 -8.57 35.78
C GLY D 40 -9.10 -8.74 35.28
N VAL D 41 -9.25 -9.14 34.03
CA VAL D 41 -10.57 -9.36 33.44
C VAL D 41 -11.24 -10.66 33.93
N SER D 42 -10.52 -11.77 33.82
CA SER D 42 -11.03 -13.07 34.23
C SER D 42 -9.87 -14.06 34.38
N GLN D 43 -10.14 -15.20 35.01
CA GLN D 43 -9.13 -16.24 35.16
C GLN D 43 -8.55 -16.65 33.81
N ASN D 44 -9.41 -16.78 32.79
CA ASN D 44 -8.91 -17.25 31.51
C ASN D 44 -8.04 -16.21 30.78
N TRP D 45 -8.43 -14.94 30.85
CA TRP D 45 -7.61 -13.88 30.28
C TRP D 45 -6.27 -13.83 31.03
N ASN D 46 -6.34 -13.96 32.35
CA ASN D 46 -5.15 -13.97 33.17
C ASN D 46 -4.22 -15.10 32.76
N LYS D 47 -4.78 -16.29 32.56
CA LYS D 47 -3.99 -17.47 32.17
C LYS D 47 -3.37 -17.29 30.79
N ILE D 48 -4.18 -16.80 29.86
CA ILE D 48 -3.73 -16.63 28.48
C ILE D 48 -2.53 -15.68 28.38
N ILE D 49 -2.63 -14.55 29.08
CA ILE D 49 -1.58 -13.54 29.04
C ILE D 49 -0.29 -14.04 29.69
N ARG D 50 -0.42 -14.78 30.78
CA ARG D 50 0.75 -15.26 31.51
C ARG D 50 1.30 -16.55 30.91
N LYS D 51 0.74 -16.95 29.78
CA LYS D 51 1.17 -18.16 29.08
C LYS D 51 2.23 -17.83 28.04
N SER D 52 2.22 -16.58 27.56
CA SER D 52 3.09 -16.18 26.47
C SER D 52 4.40 -15.55 26.93
N THR D 53 5.51 -16.18 26.58
CA THR D 53 6.81 -15.55 26.76
C THR D 53 6.96 -14.39 25.79
N SER D 54 6.63 -14.62 24.53
CA SER D 54 6.78 -13.60 23.47
C SER D 54 6.07 -12.27 23.78
N LEU D 55 4.91 -12.35 24.42
CA LEU D 55 4.17 -11.14 24.77
C LEU D 55 5.01 -10.23 25.67
N TRP D 56 5.62 -10.81 26.70
CA TRP D 56 6.40 -10.02 27.64
C TRP D 56 7.78 -9.63 27.10
N LYS D 57 8.35 -10.49 26.27
CA LYS D 57 9.58 -10.15 25.56
C LYS D 57 9.37 -8.92 24.67
N LYS D 58 8.28 -8.93 23.90
CA LYS D 58 7.96 -7.81 23.02
C LYS D 58 7.77 -6.49 23.78
N LEU D 59 7.13 -6.56 24.95
CA LEU D 59 6.95 -5.38 25.78
C LEU D 59 8.26 -4.84 26.33
N LEU D 60 9.14 -5.73 26.78
CA LEU D 60 10.44 -5.33 27.31
C LEU D 60 11.27 -4.64 26.22
N ILE D 61 11.20 -5.19 25.02
CA ILE D 61 11.95 -4.65 23.89
C ILE D 61 11.38 -3.31 23.41
N SER D 62 10.06 -3.20 23.35
CA SER D 62 9.42 -1.97 22.88
C SER D 62 9.61 -0.80 23.83
N GLU D 63 9.90 -1.08 25.10
CA GLU D 63 10.23 -0.03 26.04
C GLU D 63 11.75 0.14 26.16
N ASN D 64 12.48 -0.61 25.33
CA ASN D 64 13.94 -0.56 25.32
C ASN D 64 14.57 -0.94 26.66
N PHE D 65 13.93 -1.85 27.38
CA PHE D 65 14.51 -2.32 28.64
C PHE D 65 15.53 -3.42 28.39
N VAL D 66 15.48 -3.99 27.18
CA VAL D 66 16.42 -5.03 26.79
C VAL D 66 16.44 -5.11 25.26
N SER D 67 17.56 -5.54 24.71
CA SER D 67 17.66 -5.76 23.27
C SER D 67 17.46 -7.25 23.01
N PRO D 68 17.11 -7.61 21.77
CA PRO D 68 16.99 -9.04 21.43
C PRO D 68 18.29 -9.81 21.71
N LYS D 69 19.43 -9.14 21.57
CA LYS D 69 20.72 -9.79 21.75
C LYS D 69 21.04 -9.99 23.24
N GLY D 70 20.50 -9.12 24.08
CA GLY D 70 20.75 -9.20 25.51
C GLY D 70 19.66 -9.95 26.26
N PHE D 71 18.75 -10.57 25.52
CA PHE D 71 17.61 -11.23 26.14
C PHE D 71 17.97 -12.46 26.96
N ASN D 72 18.83 -13.31 26.43
CA ASN D 72 19.23 -14.53 27.12
C ASN D 72 19.91 -14.23 28.46
N SER D 73 20.74 -13.19 28.48
CA SER D 73 21.44 -12.80 29.69
C SER D 73 20.47 -12.27 30.75
N LEU D 74 19.51 -11.46 30.33
CA LEU D 74 18.48 -10.96 31.25
C LEU D 74 17.68 -12.13 31.84
N ASN D 75 17.30 -13.06 30.98
CA ASN D 75 16.55 -14.25 31.36
C ASN D 75 17.26 -15.06 32.43
N LEU D 76 18.57 -15.20 32.30
CA LEU D 76 19.34 -15.97 33.26
C LEU D 76 19.35 -15.26 34.61
N LYS D 77 19.54 -13.94 34.58
CA LYS D 77 19.49 -13.14 35.80
C LYS D 77 18.15 -13.25 36.51
N LEU D 78 17.05 -13.23 35.75
CA LEU D 78 15.72 -13.34 36.33
C LEU D 78 15.48 -14.73 36.92
N SER D 79 16.09 -15.75 36.30
CA SER D 79 15.99 -17.11 36.80
C SER D 79 16.67 -17.24 38.16
N GLN D 80 17.82 -16.56 38.30
CA GLN D 80 18.56 -16.56 39.55
C GLN D 80 17.82 -15.75 40.61
N LYS D 81 17.23 -14.64 40.18
CA LYS D 81 16.50 -13.75 41.07
C LYS D 81 15.19 -14.38 41.52
N TYR D 82 14.45 -14.96 40.59
CA TYR D 82 13.16 -15.59 40.88
C TYR D 82 13.14 -17.06 40.50
N PRO D 83 13.79 -17.93 41.29
CA PRO D 83 13.90 -19.36 40.98
C PRO D 83 12.55 -20.06 40.79
N LYS D 84 11.54 -19.64 41.54
CA LYS D 84 10.28 -20.37 41.53
C LYS D 84 9.20 -19.75 40.64
N LEU D 85 9.56 -18.74 39.86
CA LEU D 85 8.61 -18.17 38.91
C LEU D 85 8.82 -18.71 37.50
N SER D 86 7.73 -18.77 36.74
CA SER D 86 7.81 -19.17 35.35
C SER D 86 8.53 -18.08 34.56
N GLN D 87 8.97 -18.40 33.35
CA GLN D 87 9.64 -17.42 32.52
C GLN D 87 8.74 -16.22 32.28
N GLN D 88 7.48 -16.48 32.00
CA GLN D 88 6.54 -15.42 31.68
C GLN D 88 6.35 -14.49 32.87
N ASP D 89 6.20 -15.07 34.06
CA ASP D 89 6.06 -14.28 35.28
C ASP D 89 7.33 -13.49 35.62
N ARG D 90 8.50 -14.10 35.43
CA ARG D 90 9.77 -13.39 35.63
C ARG D 90 9.82 -12.15 34.74
N LEU D 91 9.50 -12.33 33.46
CA LEU D 91 9.56 -11.25 32.50
C LEU D 91 8.56 -10.14 32.82
N ARG D 92 7.39 -10.53 33.31
CA ARG D 92 6.36 -9.57 33.69
C ARG D 92 6.80 -8.71 34.88
N LEU D 93 7.32 -9.37 35.92
CA LEU D 93 7.82 -8.67 37.08
C LEU D 93 8.96 -7.71 36.71
N SER D 94 9.86 -8.18 35.85
CA SER D 94 10.98 -7.34 35.42
C SER D 94 10.46 -6.12 34.68
N PHE D 95 9.45 -6.34 33.83
CA PHE D 95 8.85 -5.25 33.09
C PHE D 95 8.20 -4.21 34.00
N LEU D 96 7.44 -4.68 34.98
CA LEU D 96 6.74 -3.80 35.91
C LEU D 96 7.70 -2.97 36.75
N GLU D 97 8.76 -3.60 37.23
CA GLU D 97 9.79 -2.90 37.99
C GLU D 97 10.51 -1.86 37.14
N ASN D 98 10.84 -2.23 35.90
CA ASN D 98 11.51 -1.31 34.98
C ASN D 98 10.66 -0.09 34.61
N ILE D 99 9.35 -0.30 34.47
CA ILE D 99 8.43 0.78 34.18
C ILE D 99 8.40 1.76 35.34
N PHE D 100 8.28 1.22 36.54
CA PHE D 100 8.23 2.02 37.76
C PHE D 100 9.52 2.84 37.89
N ILE D 101 10.66 2.21 37.64
CA ILE D 101 11.93 2.90 37.74
C ILE D 101 12.08 3.99 36.68
N LEU D 102 11.76 3.68 35.43
CA LEU D 102 11.88 4.65 34.35
C LEU D 102 10.98 5.86 34.58
N LYS D 103 9.79 5.62 35.12
CA LYS D 103 8.85 6.70 35.40
C LYS D 103 9.43 7.70 36.39
N ASN D 104 10.14 7.20 37.40
CA ASN D 104 10.83 8.08 38.35
C ASN D 104 11.94 8.87 37.67
N TRP D 105 12.68 8.23 36.77
CA TRP D 105 13.75 8.90 36.06
C TRP D 105 13.15 10.04 35.25
N TYR D 106 12.01 9.77 34.63
CA TYR D 106 11.33 10.69 33.73
C TYR D 106 10.55 11.78 34.44
N ASN D 107 10.40 11.66 35.76
CA ASN D 107 9.59 12.59 36.54
C ASN D 107 10.42 13.72 37.10
N PRO D 108 10.23 14.94 36.58
CA PRO D 108 10.98 16.12 37.03
C PRO D 108 10.76 16.41 38.51
N LYS D 109 9.64 15.94 39.04
CA LYS D 109 9.33 16.16 40.45
C LYS D 109 9.92 15.08 41.35
N PHE D 110 10.36 13.98 40.76
CA PHE D 110 10.95 12.89 41.54
C PHE D 110 12.33 13.26 42.09
N VAL D 111 12.52 13.07 43.39
CA VAL D 111 13.82 13.33 44.03
C VAL D 111 14.48 12.00 44.38
N PRO D 112 15.59 11.68 43.72
CA PRO D 112 16.25 10.40 43.99
C PRO D 112 16.94 10.41 45.35
N GLN D 113 17.11 9.23 45.94
CA GLN D 113 17.91 9.14 47.16
C GLN D 113 19.35 9.40 46.78
N ARG D 114 20.06 10.18 47.59
CA ARG D 114 21.43 10.53 47.28
C ARG D 114 22.36 10.15 48.42
N THR D 115 23.43 9.44 48.08
CA THR D 115 24.46 9.06 49.03
C THR D 115 25.80 9.59 48.53
N THR D 116 26.51 10.31 49.39
CA THR D 116 27.78 10.93 49.03
C THR D 116 28.91 10.28 49.81
N LEU D 117 29.89 9.75 49.10
CA LEU D 117 30.98 9.02 49.74
C LEU D 117 32.32 9.65 49.43
N ARG D 118 33.25 9.54 50.36
CA ARG D 118 34.61 10.06 50.19
C ARG D 118 35.26 9.51 48.93
N GLY D 119 35.93 10.37 48.17
CA GLY D 119 36.64 9.95 46.98
C GLY D 119 38.12 9.68 47.24
N HIS D 120 38.97 10.04 46.29
CA HIS D 120 40.40 9.83 46.41
C HIS D 120 41.09 11.00 47.10
N MET D 121 42.39 10.89 47.31
CA MET D 121 43.16 11.96 47.96
C MET D 121 43.41 13.12 46.99
N THR D 122 43.19 12.88 45.71
CA THR D 122 43.26 13.92 44.71
C THR D 122 41.83 14.31 44.30
N SER D 123 41.66 15.52 43.81
CA SER D 123 40.32 16.00 43.48
C SER D 123 39.83 15.48 42.14
N VAL D 124 40.75 14.95 41.32
CA VAL D 124 40.39 14.42 40.02
C VAL D 124 40.33 12.89 40.03
N ILE D 125 39.22 12.34 39.56
CA ILE D 125 39.11 10.91 39.36
C ILE D 125 39.36 10.65 37.88
N THR D 126 40.24 9.71 37.57
CA THR D 126 40.64 9.48 36.19
C THR D 126 39.89 8.35 35.48
N CYS D 127 39.27 7.47 36.25
CA CYS D 127 38.55 6.35 35.65
C CYS D 127 37.53 5.74 36.61
N LEU D 128 36.48 5.16 36.05
CA LEU D 128 35.41 4.60 36.85
C LEU D 128 34.77 3.38 36.19
N GLN D 129 34.57 2.33 36.97
CA GLN D 129 33.82 1.15 36.52
C GLN D 129 32.60 0.94 37.40
N PHE D 130 31.50 0.52 36.79
CA PHE D 130 30.30 0.17 37.54
C PHE D 130 29.78 -1.16 36.99
N GLU D 131 30.05 -2.23 37.73
CA GLU D 131 29.64 -3.57 37.33
C GLU D 131 29.40 -4.44 38.57
N ASP D 132 28.49 -5.40 38.47
CA ASP D 132 28.38 -6.46 39.46
C ASP D 132 28.23 -5.93 40.89
N ASN D 133 27.46 -4.86 41.05
CA ASN D 133 27.27 -4.22 42.35
C ASN D 133 28.54 -3.62 42.96
N TYR D 134 29.57 -3.45 42.13
CA TYR D 134 30.77 -2.72 42.52
C TYR D 134 30.86 -1.39 41.79
N VAL D 135 31.30 -0.36 42.49
CA VAL D 135 31.77 0.85 41.86
C VAL D 135 33.26 0.91 42.11
N ILE D 136 34.05 1.12 41.06
CA ILE D 136 35.50 1.10 41.19
C ILE D 136 36.10 2.35 40.55
N THR D 137 36.91 3.08 41.32
CA THR D 137 37.53 4.29 40.81
C THR D 137 39.05 4.28 40.94
N GLY D 138 39.70 4.98 40.02
CA GLY D 138 41.14 5.16 40.05
C GLY D 138 41.48 6.64 39.93
N ALA D 139 42.64 7.03 40.46
CA ALA D 139 43.05 8.42 40.40
C ALA D 139 44.57 8.55 40.45
N ASP D 140 45.05 9.79 40.43
CA ASP D 140 46.49 10.06 40.45
C ASP D 140 47.08 9.97 41.84
N ASP D 141 46.27 9.57 42.81
CA ASP D 141 46.80 9.28 44.15
C ASP D 141 47.26 7.83 44.21
N LYS D 142 47.37 7.20 43.05
CA LYS D 142 47.89 5.84 42.90
C LYS D 142 46.98 4.76 43.49
N MET D 143 45.78 5.15 43.89
CA MET D 143 44.87 4.24 44.56
C MET D 143 43.70 3.80 43.68
N ILE D 144 43.22 2.59 43.95
CA ILE D 144 41.98 2.12 43.37
C ILE D 144 40.99 1.92 44.51
N ARG D 145 39.83 2.56 44.42
CA ARG D 145 38.83 2.42 45.47
C ARG D 145 37.61 1.63 45.00
N VAL D 146 37.17 0.69 45.85
CA VAL D 146 36.07 -0.20 45.51
C VAL D 146 34.89 0.07 46.44
N TYR D 147 33.71 0.25 45.84
CA TYR D 147 32.51 0.56 46.60
C TYR D 147 31.40 -0.47 46.39
N ASP D 148 30.60 -0.68 47.43
CA ASP D 148 29.39 -1.49 47.35
C ASP D 148 28.27 -0.56 46.89
N SER D 149 27.73 -0.81 45.69
CA SER D 149 26.67 0.05 45.14
C SER D 149 25.29 -0.31 45.68
N ILE D 150 25.15 -1.52 46.22
CA ILE D 150 23.88 -1.93 46.80
C ILE D 150 23.69 -1.30 48.18
N ASN D 151 24.66 -1.52 49.04
CA ASN D 151 24.63 -0.97 50.39
C ASN D 151 25.16 0.47 50.44
N LYS D 152 25.62 0.97 49.29
CA LYS D 152 26.07 2.36 49.17
C LYS D 152 27.15 2.73 50.19
N LYS D 153 28.24 1.99 50.20
CA LYS D 153 29.34 2.26 51.11
C LYS D 153 30.68 1.91 50.51
N PHE D 154 31.73 2.50 51.06
CA PHE D 154 33.11 2.20 50.67
C PHE D 154 33.47 0.82 51.21
N LEU D 155 34.08 0.00 50.37
CA LEU D 155 34.51 -1.33 50.78
C LEU D 155 35.97 -1.36 51.20
N LEU D 156 36.86 -1.09 50.25
CA LEU D 156 38.29 -1.13 50.51
C LEU D 156 39.09 -0.37 49.47
N GLN D 157 40.31 -0.01 49.83
CA GLN D 157 41.22 0.66 48.91
C GLN D 157 42.30 -0.30 48.45
N LEU D 158 42.52 -0.36 47.14
CA LEU D 158 43.57 -1.20 46.57
C LEU D 158 44.82 -0.39 46.26
N SER D 159 45.86 -0.57 47.06
CA SER D 159 47.12 0.14 46.87
C SER D 159 48.19 -0.79 46.30
N GLY D 160 49.22 -0.21 45.71
CA GLY D 160 50.29 -0.99 45.12
C GLY D 160 50.94 -0.32 43.92
N HIS D 161 50.12 0.39 43.15
CA HIS D 161 50.65 1.14 42.00
C HIS D 161 51.61 2.21 42.48
N ASP D 162 52.67 2.42 41.70
CA ASP D 162 53.67 3.43 42.05
C ASP D 162 53.44 4.73 41.31
N GLY D 163 52.42 4.76 40.46
CA GLY D 163 52.05 5.96 39.74
C GLY D 163 50.53 6.09 39.66
N GLY D 164 50.06 7.17 39.03
CA GLY D 164 48.63 7.39 38.88
C GLY D 164 47.99 6.26 38.10
N VAL D 165 46.74 5.96 38.44
CA VAL D 165 45.97 4.93 37.74
C VAL D 165 45.12 5.59 36.66
N TRP D 166 45.32 5.21 35.41
CA TRP D 166 44.64 5.88 34.30
C TRP D 166 43.63 5.00 33.55
N ALA D 167 43.64 3.70 33.84
CA ALA D 167 42.76 2.77 33.16
C ALA D 167 42.35 1.61 34.06
N LEU D 168 41.07 1.29 34.03
CA LEU D 168 40.48 0.26 34.87
C LEU D 168 39.51 -0.57 34.06
N LYS D 169 39.45 -1.88 34.35
CA LYS D 169 38.47 -2.72 33.70
C LYS D 169 38.09 -3.87 34.62
N TYR D 170 36.79 -3.99 34.89
CA TYR D 170 36.28 -5.06 35.71
C TYR D 170 36.07 -6.33 34.87
N ALA D 171 36.38 -7.47 35.48
CA ALA D 171 36.06 -8.76 34.91
C ALA D 171 35.25 -9.52 35.95
N HIS D 172 34.52 -10.53 35.51
CA HIS D 172 33.75 -11.42 36.38
C HIS D 172 34.23 -11.55 37.83
N GLY D 173 33.28 -11.62 38.75
CA GLY D 173 33.55 -11.55 40.18
C GLY D 173 34.73 -12.31 40.75
N GLY D 174 35.62 -11.58 41.42
CA GLY D 174 35.54 -10.13 41.51
C GLY D 174 36.90 -9.59 41.11
N ILE D 175 37.25 -9.80 39.85
CA ILE D 175 38.59 -9.54 39.34
C ILE D 175 38.62 -8.24 38.57
N LEU D 176 39.67 -7.46 38.74
CA LEU D 176 39.82 -6.25 37.93
C LEU D 176 41.24 -6.03 37.45
N VAL D 177 41.38 -5.27 36.37
CA VAL D 177 42.69 -4.99 35.81
C VAL D 177 42.91 -3.49 35.73
N SER D 178 44.12 -3.05 36.07
CA SER D 178 44.45 -1.64 36.07
C SER D 178 45.67 -1.34 35.21
N GLY D 179 45.78 -0.09 34.76
CA GLY D 179 46.94 0.40 34.05
C GLY D 179 47.36 1.73 34.64
N SER D 180 48.66 1.98 34.69
CA SER D 180 49.19 3.11 35.44
C SER D 180 50.34 3.80 34.74
N THR D 181 50.74 4.97 35.27
CA THR D 181 51.91 5.67 34.79
C THR D 181 53.19 4.98 35.25
N ASP D 182 53.06 3.99 36.13
CA ASP D 182 54.22 3.20 36.55
C ASP D 182 54.57 2.11 35.55
N ARG D 183 53.87 2.13 34.41
CA ARG D 183 54.12 1.25 33.27
C ARG D 183 53.69 -0.20 33.51
N THR D 184 53.03 -0.45 34.63
CA THR D 184 52.60 -1.81 34.92
C THR D 184 51.13 -2.06 34.60
N VAL D 185 50.81 -3.32 34.38
CA VAL D 185 49.44 -3.77 34.25
C VAL D 185 49.20 -4.68 35.45
N ARG D 186 48.22 -4.37 36.28
CA ARG D 186 48.00 -5.14 37.50
C ARG D 186 46.63 -5.82 37.56
N VAL D 187 46.63 -7.05 38.06
CA VAL D 187 45.41 -7.81 38.27
C VAL D 187 45.09 -7.85 39.76
N TRP D 188 43.85 -7.54 40.11
CA TRP D 188 43.44 -7.47 41.49
C TRP D 188 42.31 -8.44 41.78
N ASP D 189 42.22 -8.87 43.04
CA ASP D 189 41.09 -9.65 43.49
C ASP D 189 40.41 -8.91 44.64
N ILE D 190 39.20 -8.41 44.38
CA ILE D 190 38.47 -7.60 45.34
C ILE D 190 38.22 -8.34 46.66
N LYS D 191 37.79 -9.59 46.57
CA LYS D 191 37.42 -10.35 47.75
C LYS D 191 38.63 -10.79 48.58
N LYS D 192 39.77 -10.93 47.93
CA LYS D 192 41.01 -11.19 48.66
C LYS D 192 41.67 -9.87 49.02
N GLY D 193 41.14 -8.78 48.47
CA GLY D 193 41.55 -7.44 48.84
C GLY D 193 42.99 -7.07 48.52
N CYS D 194 43.56 -7.70 47.49
CA CYS D 194 44.96 -7.48 47.18
C CYS D 194 45.22 -7.59 45.69
N CYS D 195 46.45 -7.23 45.30
CA CYS D 195 46.94 -7.43 43.95
C CYS D 195 47.45 -8.86 43.82
N THR D 196 47.06 -9.55 42.76
CA THR D 196 47.50 -10.93 42.56
C THR D 196 48.63 -11.05 41.53
N HIS D 197 48.66 -10.15 40.56
CA HIS D 197 49.65 -10.19 39.48
C HIS D 197 50.13 -8.80 39.07
N VAL D 198 51.44 -8.68 38.86
CA VAL D 198 52.01 -7.48 38.27
C VAL D 198 52.68 -7.83 36.95
N PHE D 199 52.17 -7.27 35.86
CA PHE D 199 52.72 -7.52 34.53
C PHE D 199 53.54 -6.33 34.05
N GLU D 200 54.85 -6.49 33.97
CA GLU D 200 55.72 -5.47 33.42
C GLU D 200 56.01 -5.76 31.95
N GLY D 201 56.38 -4.74 31.20
CA GLY D 201 56.68 -4.92 29.80
C GLY D 201 56.54 -3.63 29.02
N HIS D 202 55.50 -2.86 29.33
CA HIS D 202 55.34 -1.55 28.71
C HIS D 202 56.51 -0.64 29.11
N ASN D 203 56.96 0.17 28.17
CA ASN D 203 58.10 1.05 28.40
C ASN D 203 57.67 2.47 28.72
N SER D 204 56.36 2.65 28.91
CA SER D 204 55.81 3.94 29.29
C SER D 204 54.41 3.75 29.88
N THR D 205 53.75 4.88 30.20
CA THR D 205 52.40 4.89 30.74
C THR D 205 51.44 3.93 30.03
N VAL D 206 50.69 3.16 30.81
CA VAL D 206 49.58 2.38 30.28
C VAL D 206 48.36 3.30 30.23
N ARG D 207 47.88 3.60 29.03
CA ARG D 207 46.92 4.66 28.82
C ARG D 207 45.46 4.17 28.77
N CYS D 208 45.27 2.96 28.25
CA CYS D 208 43.93 2.42 28.07
C CYS D 208 44.04 0.91 28.07
N LEU D 209 42.91 0.24 28.23
CA LEU D 209 42.89 -1.22 28.19
C LEU D 209 41.48 -1.76 27.99
N ASP D 210 41.39 -3.00 27.54
CA ASP D 210 40.13 -3.69 27.41
C ASP D 210 40.36 -5.15 27.74
N ILE D 211 39.28 -5.88 28.02
CA ILE D 211 39.36 -7.31 28.24
C ILE D 211 38.38 -7.98 27.29
N VAL D 212 38.88 -8.93 26.50
CA VAL D 212 38.03 -9.64 25.54
C VAL D 212 38.01 -11.14 25.84
N GLU D 213 36.94 -11.80 25.44
CA GLU D 213 36.86 -13.25 25.57
C GLU D 213 36.69 -13.89 24.20
N TYR D 214 37.54 -14.86 23.91
CA TYR D 214 37.50 -15.56 22.63
C TYR D 214 37.79 -17.05 22.86
N LYS D 215 36.81 -17.89 22.53
CA LYS D 215 36.90 -19.34 22.76
C LYS D 215 37.15 -19.69 24.22
N ASN D 216 36.41 -19.03 25.11
CA ASN D 216 36.47 -19.27 26.55
C ASN D 216 37.76 -18.87 27.26
N ILE D 217 38.56 -18.04 26.60
CA ILE D 217 39.75 -17.48 27.22
C ILE D 217 39.70 -15.96 27.24
N LYS D 218 39.87 -15.37 28.43
CA LYS D 218 39.88 -13.92 28.58
C LYS D 218 41.29 -13.37 28.34
N TYR D 219 41.37 -12.32 27.53
CA TYR D 219 42.64 -11.67 27.23
C TYR D 219 42.56 -10.20 27.64
N ILE D 220 43.68 -9.70 28.18
CA ILE D 220 43.80 -8.28 28.47
C ILE D 220 44.61 -7.64 27.36
N VAL D 221 44.08 -6.57 26.77
CA VAL D 221 44.82 -5.81 25.77
C VAL D 221 45.06 -4.42 26.32
N THR D 222 46.33 -4.06 26.46
CA THR D 222 46.68 -2.79 27.08
C THR D 222 47.36 -1.86 26.08
N GLY D 223 46.85 -0.64 25.96
CA GLY D 223 47.43 0.36 25.07
C GLY D 223 48.32 1.32 25.83
N SER D 224 49.44 1.70 25.23
CA SER D 224 50.46 2.45 25.94
C SER D 224 50.98 3.68 25.20
N ARG D 225 51.54 4.60 25.97
CA ARG D 225 52.25 5.76 25.43
C ARG D 225 53.51 5.33 24.67
N ASP D 226 53.91 4.06 24.80
CA ASP D 226 55.13 3.58 24.17
C ASP D 226 54.99 3.20 22.70
N ASN D 227 53.80 3.47 22.12
CA ASN D 227 53.41 3.14 20.74
C ASN D 227 52.70 1.80 20.56
N THR D 228 52.77 0.95 21.58
CA THR D 228 52.32 -0.43 21.38
C THR D 228 51.13 -0.82 22.23
N LEU D 229 50.51 -1.93 21.85
CA LEU D 229 49.62 -2.65 22.74
C LEU D 229 50.27 -3.97 23.13
N HIS D 230 50.10 -4.38 24.39
CA HIS D 230 50.51 -5.71 24.79
C HIS D 230 49.26 -6.56 25.00
N VAL D 231 49.38 -7.85 24.73
CA VAL D 231 48.27 -8.77 24.96
C VAL D 231 48.67 -9.75 26.07
N TRP D 232 47.77 -9.91 27.04
CA TRP D 232 48.01 -10.80 28.17
C TRP D 232 46.81 -11.69 28.39
N LYS D 233 47.05 -12.88 28.93
CA LYS D 233 45.97 -13.73 29.38
C LYS D 233 45.54 -13.28 30.77
N LEU D 234 44.25 -13.16 31.00
CA LEU D 234 43.75 -12.95 32.34
C LEU D 234 43.97 -14.24 33.12
N PRO D 235 44.66 -14.15 34.26
CA PRO D 235 44.93 -15.32 35.11
C PRO D 235 43.66 -15.94 35.67
N LYS D 236 43.65 -17.27 35.74
CA LYS D 236 42.53 -18.01 36.30
C LYS D 236 42.43 -17.81 37.80
N GLU D 237 41.38 -18.36 38.40
CA GLU D 237 41.22 -18.36 39.85
C GLU D 237 42.35 -19.14 40.52
N GLU D 246 50.41 -18.47 50.56
CA GLU D 246 49.46 -19.05 49.63
C GLU D 246 48.49 -18.03 49.05
N HIS D 247 48.84 -17.41 47.92
CA HIS D 247 50.18 -17.49 47.35
C HIS D 247 51.00 -16.39 48.00
N ASP D 248 52.17 -16.11 47.44
CA ASP D 248 52.92 -14.94 47.88
C ASP D 248 52.55 -13.75 47.00
N TYR D 249 51.36 -13.21 47.22
CA TYR D 249 50.85 -12.09 46.42
C TYR D 249 51.57 -10.79 46.76
N PRO D 250 51.89 -9.99 45.73
CA PRO D 250 51.52 -10.25 44.34
C PRO D 250 52.58 -11.07 43.62
N LEU D 251 52.18 -11.76 42.55
CA LEU D 251 53.14 -12.43 41.68
C LEU D 251 53.64 -11.39 40.68
N VAL D 252 54.93 -11.06 40.77
CA VAL D 252 55.52 -10.02 39.94
C VAL D 252 56.27 -10.62 38.77
N PHE D 253 55.94 -10.17 37.56
CA PHE D 253 56.61 -10.67 36.35
C PHE D 253 57.39 -9.57 35.65
N HIS D 254 58.69 -9.52 35.90
CA HIS D 254 59.55 -8.47 35.38
C HIS D 254 59.85 -8.65 33.89
N THR D 255 59.72 -9.87 33.40
CA THR D 255 60.18 -10.19 32.05
C THR D 255 59.07 -10.88 31.26
N PRO D 256 58.49 -10.17 30.28
CA PRO D 256 57.35 -10.64 29.49
C PRO D 256 57.64 -12.00 28.85
N GLU D 257 58.85 -12.14 28.31
CA GLU D 257 59.29 -13.38 27.66
C GLU D 257 59.29 -14.57 28.63
N GLU D 258 59.35 -14.29 29.93
CA GLU D 258 59.30 -15.35 30.94
C GLU D 258 57.95 -15.36 31.66
N ASN D 259 57.04 -14.50 31.21
CA ASN D 259 55.69 -14.43 31.76
C ASN D 259 54.77 -15.36 30.99
N PRO D 260 54.23 -16.40 31.66
CA PRO D 260 53.34 -17.34 30.99
C PRO D 260 52.03 -16.70 30.55
N TYR D 261 51.67 -15.58 31.18
CA TYR D 261 50.44 -14.87 30.84
C TYR D 261 50.65 -13.85 29.71
N PHE D 262 51.90 -13.64 29.31
CA PHE D 262 52.22 -12.71 28.23
C PHE D 262 52.05 -13.35 26.86
N VAL D 263 51.27 -12.70 26.00
CA VAL D 263 51.03 -13.23 24.66
C VAL D 263 51.96 -12.64 23.61
N GLY D 264 51.95 -11.31 23.49
CA GLY D 264 52.81 -10.64 22.54
C GLY D 264 52.55 -9.14 22.42
N VAL D 265 53.28 -8.50 21.52
CA VAL D 265 53.16 -7.06 21.30
C VAL D 265 52.49 -6.76 19.95
N LEU D 266 51.56 -5.81 19.94
CA LEU D 266 50.93 -5.34 18.71
C LEU D 266 51.55 -4.01 18.28
N ARG D 267 52.42 -4.06 17.28
CA ARG D 267 53.15 -2.88 16.84
C ARG D 267 52.61 -2.36 15.51
N GLY D 268 52.49 -1.04 15.40
CA GLY D 268 52.01 -0.41 14.19
C GLY D 268 51.77 1.08 14.37
N HIS D 269 51.37 1.47 15.58
CA HIS D 269 51.16 2.89 15.88
C HIS D 269 52.48 3.64 16.05
N MET D 270 52.48 4.90 15.64
CA MET D 270 53.69 5.72 15.67
C MET D 270 53.67 6.74 16.81
N ALA D 271 52.63 6.67 17.63
CA ALA D 271 52.54 7.53 18.81
C ALA D 271 51.62 6.88 19.82
N SER D 272 51.36 7.59 20.92
CA SER D 272 50.59 7.03 22.03
C SER D 272 49.30 6.35 21.61
N VAL D 273 49.05 5.18 22.20
CA VAL D 273 47.80 4.46 21.98
C VAL D 273 46.80 4.96 23.01
N ARG D 274 45.84 5.75 22.55
CA ARG D 274 44.97 6.53 23.42
C ARG D 274 43.68 5.79 23.81
N THR D 275 43.19 4.93 22.92
CA THR D 275 41.89 4.32 23.10
C THR D 275 41.88 2.93 22.48
N VAL D 276 41.10 2.04 23.06
CA VAL D 276 41.08 0.66 22.60
C VAL D 276 39.69 0.06 22.83
N SER D 277 39.20 -0.70 21.87
CA SER D 277 37.89 -1.33 21.99
C SER D 277 37.89 -2.67 21.29
N GLY D 278 37.54 -3.73 22.03
CA GLY D 278 37.55 -5.06 21.48
C GLY D 278 36.36 -5.91 21.85
N HIS D 279 36.14 -6.94 21.03
CA HIS D 279 35.15 -7.98 21.30
C HIS D 279 35.64 -9.25 20.61
N GLY D 280 35.65 -10.37 21.34
CA GLY D 280 36.14 -11.62 20.78
C GLY D 280 37.60 -11.50 20.40
N ASN D 281 37.97 -11.96 19.21
CA ASN D 281 39.37 -11.90 18.77
C ASN D 281 39.71 -10.62 18.05
N ILE D 282 38.73 -9.74 17.86
CA ILE D 282 38.94 -8.50 17.14
C ILE D 282 39.08 -7.33 18.12
N VAL D 283 40.14 -6.56 17.95
CA VAL D 283 40.39 -5.39 18.80
C VAL D 283 40.75 -4.17 17.94
N VAL D 284 40.15 -3.03 18.26
CA VAL D 284 40.47 -1.79 17.55
C VAL D 284 41.12 -0.78 18.50
N SER D 285 42.24 -0.21 18.06
CA SER D 285 42.96 0.80 18.83
C SER D 285 43.03 2.12 18.07
N GLY D 286 43.07 3.23 18.81
CA GLY D 286 43.17 4.55 18.24
C GLY D 286 44.35 5.27 18.84
N SER D 287 45.01 6.10 18.04
CA SER D 287 46.29 6.66 18.44
C SER D 287 46.44 8.15 18.16
N TYR D 288 47.39 8.78 18.84
CA TYR D 288 47.75 10.16 18.57
C TYR D 288 48.47 10.30 17.24
N ASP D 289 48.77 9.19 16.57
CA ASP D 289 49.34 9.27 15.22
C ASP D 289 48.28 9.51 14.15
N ASN D 290 47.03 9.69 14.58
CA ASN D 290 45.86 9.98 13.73
C ASN D 290 45.23 8.77 13.04
N THR D 291 45.70 7.58 13.37
CA THR D 291 45.19 6.37 12.74
C THR D 291 44.54 5.46 13.75
N LEU D 292 43.73 4.54 13.24
CA LEU D 292 43.28 3.41 14.03
C LEU D 292 43.82 2.15 13.40
N ILE D 293 43.95 1.10 14.20
CA ILE D 293 44.37 -0.21 13.69
C ILE D 293 43.43 -1.30 14.18
N VAL D 294 43.02 -2.16 13.25
CA VAL D 294 42.18 -3.30 13.58
C VAL D 294 43.08 -4.51 13.73
N TRP D 295 43.10 -5.11 14.92
CA TRP D 295 43.95 -6.26 15.18
C TRP D 295 43.14 -7.56 15.29
N ASP D 296 43.77 -8.66 14.91
CA ASP D 296 43.26 -9.99 15.24
C ASP D 296 44.21 -10.53 16.30
N VAL D 297 43.72 -10.65 17.53
CA VAL D 297 44.59 -11.06 18.64
C VAL D 297 44.82 -12.56 18.71
N ALA D 298 44.01 -13.33 17.99
CA ALA D 298 44.23 -14.77 17.91
C ALA D 298 45.44 -15.04 17.02
N GLN D 299 45.50 -14.31 15.90
CA GLN D 299 46.66 -14.38 15.03
C GLN D 299 47.74 -13.43 15.50
N MET D 300 47.38 -12.54 16.43
CA MET D 300 48.26 -11.45 16.82
C MET D 300 48.75 -10.71 15.56
N LYS D 301 47.81 -10.37 14.70
CA LYS D 301 48.13 -9.73 13.43
C LYS D 301 47.39 -8.40 13.25
N CYS D 302 47.97 -7.53 12.43
CA CYS D 302 47.32 -6.30 12.01
C CYS D 302 46.43 -6.61 10.80
N LEU D 303 45.14 -6.32 10.92
CA LEU D 303 44.20 -6.58 9.83
C LEU D 303 44.06 -5.36 8.92
N TYR D 304 43.77 -4.22 9.52
CA TYR D 304 43.63 -2.98 8.76
C TYR D 304 44.26 -1.79 9.48
N ILE D 305 44.80 -0.87 8.70
CA ILE D 305 45.16 0.44 9.21
C ILE D 305 44.18 1.46 8.65
N LEU D 306 43.46 2.11 9.54
CA LEU D 306 42.40 3.05 9.16
C LEU D 306 42.92 4.47 9.25
N SER D 307 43.25 5.05 8.10
CA SER D 307 43.82 6.39 8.08
C SER D 307 42.88 7.33 7.33
N GLY D 308 42.99 8.62 7.63
CA GLY D 308 42.13 9.62 7.02
C GLY D 308 41.86 10.79 7.96
N HIS D 309 41.83 10.51 9.26
CA HIS D 309 41.70 11.59 10.24
C HIS D 309 42.92 12.49 10.11
N THR D 310 42.75 13.77 10.40
CA THR D 310 43.85 14.71 10.25
C THR D 310 44.43 15.14 11.60
N ASP D 311 43.91 14.56 12.68
CA ASP D 311 44.44 14.84 14.01
C ASP D 311 44.21 13.65 14.94
N ARG D 312 44.64 13.81 16.18
CA ARG D 312 44.61 12.74 17.19
C ARG D 312 43.29 12.01 17.29
N ILE D 313 43.36 10.69 17.47
CA ILE D 313 42.18 9.91 17.81
C ILE D 313 42.05 9.85 19.33
N TYR D 314 40.88 10.20 19.85
CA TYR D 314 40.66 10.21 21.29
C TYR D 314 39.76 9.08 21.77
N SER D 315 38.91 8.58 20.90
CA SER D 315 37.99 7.53 21.29
C SER D 315 37.59 6.66 20.13
N THR D 316 37.49 5.35 20.38
CA THR D 316 37.00 4.45 19.36
C THR D 316 36.05 3.43 19.96
N ILE D 317 35.07 3.00 19.16
CA ILE D 317 34.21 1.89 19.54
C ILE D 317 34.23 0.85 18.44
N TYR D 318 34.46 -0.40 18.80
CA TYR D 318 34.31 -1.50 17.87
C TYR D 318 32.88 -2.01 17.97
N ASP D 319 32.09 -1.70 16.94
CA ASP D 319 30.70 -2.18 16.86
C ASP D 319 30.73 -3.60 16.29
N HIS D 320 30.86 -4.58 17.18
CA HIS D 320 31.01 -5.97 16.76
C HIS D 320 29.74 -6.54 16.15
N GLU D 321 28.59 -6.02 16.56
CA GLU D 321 27.31 -6.47 16.04
C GLU D 321 27.18 -6.15 14.55
N ARG D 322 27.66 -4.97 14.15
CA ARG D 322 27.54 -4.55 12.76
C ARG D 322 28.84 -4.69 11.97
N LYS D 323 29.90 -5.11 12.66
CA LYS D 323 31.23 -5.22 12.06
C LYS D 323 31.70 -3.85 11.55
N ARG D 324 31.69 -2.87 12.44
CA ARG D 324 32.12 -1.53 12.09
C ARG D 324 32.97 -0.95 13.21
N CYS D 325 33.74 0.09 12.87
CA CYS D 325 34.50 0.84 13.84
C CYS D 325 34.04 2.28 13.80
N ILE D 326 33.85 2.89 14.96
CA ILE D 326 33.59 4.31 15.05
C ILE D 326 34.83 4.97 15.65
N SER D 327 35.27 6.08 15.05
CA SER D 327 36.43 6.81 15.57
C SER D 327 36.10 8.28 15.79
N ALA D 328 36.58 8.83 16.90
CA ALA D 328 36.34 10.23 17.21
C ALA D 328 37.68 10.94 17.38
N SER D 329 37.80 12.12 16.79
CA SER D 329 39.11 12.74 16.65
C SER D 329 39.17 14.21 17.05
N MET D 330 40.38 14.68 17.31
CA MET D 330 40.64 16.09 17.55
C MET D 330 40.32 16.94 16.31
N ASP D 331 40.24 16.30 15.14
CA ASP D 331 39.90 17.03 13.92
C ASP D 331 38.40 17.39 13.83
N THR D 332 37.67 17.12 14.91
CA THR D 332 36.24 17.43 15.07
C THR D 332 35.30 16.45 14.37
N THR D 333 35.85 15.52 13.60
CA THR D 333 35.00 14.59 12.87
C THR D 333 34.84 13.25 13.57
N ILE D 334 33.84 12.52 13.14
CA ILE D 334 33.64 11.14 13.56
C ILE D 334 33.62 10.32 12.29
N ARG D 335 34.31 9.18 12.30
CA ARG D 335 34.33 8.33 11.12
C ARG D 335 33.81 6.92 11.39
N ILE D 336 33.06 6.41 10.43
CA ILE D 336 32.51 5.06 10.48
C ILE D 336 33.26 4.22 9.46
N TRP D 337 33.78 3.07 9.91
CA TRP D 337 34.59 2.21 9.05
C TRP D 337 33.96 0.83 8.93
N ASP D 338 34.05 0.24 7.74
CA ASP D 338 33.54 -1.11 7.46
C ASP D 338 34.64 -2.12 7.78
N LEU D 339 34.46 -2.94 8.80
CA LEU D 339 35.51 -3.87 9.20
C LEU D 339 35.48 -5.19 8.40
N GLU D 340 34.61 -5.26 7.41
CA GLU D 340 34.63 -6.39 6.48
C GLU D 340 35.70 -6.18 5.40
N ASN D 341 36.05 -4.92 5.15
CA ASN D 341 37.02 -4.60 4.11
C ASN D 341 37.99 -3.47 4.46
N GLY D 342 37.87 -2.94 5.67
CA GLY D 342 38.76 -1.88 6.15
C GLY D 342 38.51 -0.54 5.47
N GLU D 343 37.35 -0.39 4.86
CA GLU D 343 37.04 0.80 4.08
C GLU D 343 36.28 1.84 4.91
N LEU D 344 36.54 3.12 4.64
CA LEU D 344 35.76 4.19 5.24
C LEU D 344 34.31 4.13 4.74
N MET D 345 33.36 4.22 5.66
CA MET D 345 31.94 4.28 5.28
C MET D 345 31.41 5.72 5.28
N TYR D 346 31.52 6.37 6.43
CA TYR D 346 30.95 7.70 6.60
C TYR D 346 31.84 8.62 7.42
N THR D 347 31.75 9.92 7.13
CA THR D 347 32.31 10.93 8.00
C THR D 347 31.15 11.74 8.57
N LEU D 348 31.13 11.92 9.89
CA LEU D 348 30.07 12.69 10.53
C LEU D 348 30.65 14.01 11.01
N GLN D 349 30.05 15.11 10.55
CA GLN D 349 30.47 16.44 10.98
C GLN D 349 29.36 17.06 11.83
N GLY D 350 29.49 16.96 13.14
CA GLY D 350 28.46 17.45 14.04
C GLY D 350 29.01 18.11 15.29
N HIS D 351 30.30 18.42 15.26
CA HIS D 351 30.96 19.09 16.38
C HIS D 351 31.96 20.11 15.85
N THR D 352 32.21 21.18 16.62
CA THR D 352 33.14 22.20 16.18
C THR D 352 34.42 22.18 17.00
N ALA D 353 34.62 21.12 17.77
CA ALA D 353 35.80 21.00 18.60
C ALA D 353 36.14 19.54 18.80
N LEU D 354 37.19 19.29 19.58
CA LEU D 354 37.67 17.96 19.88
C LEU D 354 36.54 17.02 20.25
N VAL D 355 36.42 15.90 19.55
CA VAL D 355 35.43 14.89 19.90
C VAL D 355 36.10 13.77 20.66
N GLY D 356 35.91 13.76 21.98
CA GLY D 356 36.66 12.85 22.83
C GLY D 356 35.87 11.72 23.47
N LEU D 357 34.55 11.73 23.30
CA LEU D 357 33.69 10.77 23.98
C LEU D 357 32.67 10.13 23.05
N LEU D 358 32.64 8.80 23.04
CA LEU D 358 31.69 8.03 22.24
C LEU D 358 31.00 6.98 23.09
N ARG D 359 29.74 6.71 22.80
CA ARG D 359 29.01 5.60 23.39
C ARG D 359 28.09 4.99 22.35
N LEU D 360 27.85 3.68 22.47
CA LEU D 360 26.92 3.03 21.59
C LEU D 360 25.86 2.30 22.40
N SER D 361 24.61 2.73 22.27
CA SER D 361 23.50 1.95 22.79
C SER D 361 22.90 1.21 21.61
N ASP D 362 21.82 0.47 21.85
CA ASP D 362 21.22 -0.33 20.80
C ASP D 362 20.67 0.54 19.67
N LYS D 363 20.12 1.70 20.02
CA LYS D 363 19.52 2.59 19.04
C LYS D 363 20.44 3.72 18.57
N PHE D 364 21.33 4.19 19.45
CA PHE D 364 22.05 5.44 19.21
C PHE D 364 23.57 5.31 19.28
N LEU D 365 24.24 5.92 18.32
CA LEU D 365 25.64 6.27 18.51
C LEU D 365 25.60 7.66 19.11
N VAL D 366 26.29 7.85 20.23
CA VAL D 366 26.31 9.15 20.89
C VAL D 366 27.72 9.70 21.03
N SER D 367 27.88 10.98 20.70
CA SER D 367 29.18 11.62 20.76
C SER D 367 29.09 12.95 21.47
N ALA D 368 30.15 13.32 22.16
CA ALA D 368 30.19 14.57 22.91
C ALA D 368 31.54 15.23 22.71
N ALA D 369 31.55 16.55 22.68
CA ALA D 369 32.75 17.29 22.31
C ALA D 369 33.11 18.39 23.31
N ALA D 370 34.25 19.03 23.05
CA ALA D 370 34.81 20.00 23.98
C ALA D 370 34.15 21.38 23.89
N ASP D 371 33.25 21.56 22.92
CA ASP D 371 32.50 22.81 22.81
C ASP D 371 31.18 22.73 23.59
N GLY D 372 30.94 21.58 24.22
CA GLY D 372 29.72 21.38 24.98
C GLY D 372 28.58 20.73 24.22
N SER D 373 28.85 20.33 22.97
CA SER D 373 27.82 19.68 22.16
C SER D 373 27.77 18.18 22.39
N ILE D 374 26.55 17.66 22.36
CA ILE D 374 26.32 16.22 22.39
C ILE D 374 25.43 15.87 21.21
N ARG D 375 25.77 14.79 20.50
CA ARG D 375 25.04 14.40 19.31
C ARG D 375 24.57 12.95 19.39
N GLY D 376 23.31 12.72 19.05
CA GLY D 376 22.81 11.36 18.90
C GLY D 376 22.62 11.05 17.43
N TRP D 377 23.15 9.91 17.00
CA TRP D 377 23.02 9.46 15.62
C TRP D 377 22.41 8.07 15.64
N ASP D 378 21.62 7.75 14.62
CA ASP D 378 21.05 6.40 14.51
C ASP D 378 22.19 5.38 14.47
N ALA D 379 22.10 4.33 15.29
CA ALA D 379 23.19 3.37 15.41
C ALA D 379 23.44 2.59 14.12
N ASN D 380 22.50 2.62 13.19
CA ASN D 380 22.64 1.87 11.96
C ASN D 380 22.97 2.69 10.71
N ASP D 381 22.24 3.80 10.50
CA ASP D 381 22.47 4.62 9.31
C ASP D 381 22.97 6.02 9.64
N TYR D 382 23.16 6.30 10.93
CA TYR D 382 23.84 7.51 11.39
C TYR D 382 23.15 8.82 10.99
N SER D 383 21.85 8.72 10.73
CA SER D 383 21.01 9.90 10.58
C SER D 383 20.88 10.58 11.95
N ARG D 384 20.65 11.89 11.94
CA ARG D 384 20.60 12.67 13.17
C ARG D 384 19.34 12.40 13.97
N LYS D 385 19.51 12.02 15.24
CA LYS D 385 18.38 11.70 16.10
C LYS D 385 18.17 12.76 17.17
N PHE D 386 19.25 13.23 17.77
CA PHE D 386 19.14 14.29 18.76
C PHE D 386 20.42 15.12 18.91
N SER D 387 20.26 16.28 19.52
CA SER D 387 21.35 17.23 19.70
C SER D 387 21.12 17.95 21.02
N TYR D 388 22.16 17.99 21.85
CA TYR D 388 22.08 18.72 23.12
C TYR D 388 23.32 19.57 23.32
N HIS D 389 23.20 20.55 24.19
CA HIS D 389 24.30 21.45 24.45
C HIS D 389 24.24 21.95 25.89
N HIS D 390 25.34 21.84 26.61
CA HIS D 390 25.40 22.40 27.96
C HIS D 390 25.41 23.93 27.86
N THR D 391 24.45 24.57 28.54
CA THR D 391 24.18 26.01 28.37
C THR D 391 25.34 26.93 28.75
N ASN D 392 26.25 26.44 29.59
CA ASN D 392 27.39 27.26 29.99
C ASN D 392 28.54 27.11 28.99
N LEU D 393 28.30 26.31 27.96
CA LEU D 393 29.24 26.13 26.84
C LEU D 393 30.60 25.56 27.26
N SER D 394 30.58 24.70 28.26
CA SER D 394 31.80 24.06 28.77
C SER D 394 32.00 22.69 28.12
N ALA D 395 33.25 22.24 28.07
CA ALA D 395 33.59 20.94 27.49
C ALA D 395 32.89 19.81 28.23
N ILE D 396 32.30 18.88 27.47
CA ILE D 396 31.70 17.71 28.08
C ILE D 396 32.82 16.81 28.60
N THR D 397 32.79 16.51 29.89
CA THR D 397 33.86 15.71 30.50
C THR D 397 33.45 14.25 30.62
N THR D 398 32.15 13.99 30.67
CA THR D 398 31.67 12.62 30.73
C THR D 398 30.19 12.55 30.36
N PHE D 399 29.77 11.38 29.89
CA PHE D 399 28.34 11.13 29.75
C PHE D 399 28.08 9.63 29.71
N TYR D 400 26.85 9.23 29.99
CA TYR D 400 26.45 7.84 29.83
C TYR D 400 25.06 7.82 29.22
N VAL D 401 24.74 6.74 28.51
CA VAL D 401 23.51 6.75 27.73
C VAL D 401 22.88 5.37 27.58
N SER D 402 21.55 5.36 27.50
CA SER D 402 20.81 4.16 27.14
C SER D 402 19.83 4.60 26.05
N ASP D 403 18.95 3.70 25.62
CA ASP D 403 17.93 4.09 24.65
C ASP D 403 16.94 5.09 25.24
N ASN D 404 16.82 5.09 26.56
CA ASN D 404 15.81 5.90 27.24
C ASN D 404 16.34 7.17 27.90
N ILE D 405 17.61 7.14 28.30
CA ILE D 405 18.18 8.19 29.15
C ILE D 405 19.56 8.65 28.68
N LEU D 406 19.78 9.96 28.71
CA LEU D 406 21.12 10.52 28.57
C LEU D 406 21.48 11.29 29.85
N VAL D 407 22.64 10.98 30.40
CA VAL D 407 23.18 11.72 31.54
C VAL D 407 24.55 12.28 31.14
N SER D 408 24.72 13.59 31.27
CA SER D 408 25.96 14.23 30.83
C SER D 408 26.48 15.19 31.88
N GLY D 409 27.80 15.35 31.94
CA GLY D 409 28.43 16.21 32.91
C GLY D 409 29.52 17.09 32.33
N SER D 410 29.67 18.26 32.93
CA SER D 410 30.74 19.20 32.58
C SER D 410 30.88 20.16 33.76
N GLU D 411 31.77 21.14 33.66
CA GLU D 411 31.98 22.07 34.76
C GLU D 411 30.68 22.72 35.20
N ASN D 412 30.33 22.53 36.48
CA ASN D 412 29.12 23.09 37.07
C ASN D 412 27.80 22.56 36.48
N GLN D 413 27.85 21.52 35.66
CA GLN D 413 26.62 21.01 35.06
C GLN D 413 26.47 19.49 35.10
N PHE D 414 25.27 19.04 35.43
CA PHE D 414 24.95 17.63 35.48
C PHE D 414 23.50 17.46 35.05
N ASN D 415 23.31 16.95 33.85
CA ASN D 415 22.00 16.94 33.21
C ASN D 415 21.49 15.54 32.95
N ILE D 416 20.19 15.37 33.11
CA ILE D 416 19.53 14.10 32.78
C ILE D 416 18.44 14.37 31.74
N TYR D 417 18.56 13.75 30.59
CA TYR D 417 17.61 13.97 29.50
C TYR D 417 16.73 12.74 29.25
N ASN D 418 15.46 12.99 28.96
CA ASN D 418 14.55 11.95 28.48
C ASN D 418 14.73 11.89 26.98
N LEU D 419 15.23 10.76 26.47
CA LEU D 419 15.52 10.64 25.05
C LEU D 419 14.29 10.34 24.18
N ARG D 420 13.17 10.00 24.81
CA ARG D 420 11.93 9.82 24.07
C ARG D 420 11.28 11.17 23.77
N SER D 421 11.13 12.00 24.81
CA SER D 421 10.50 13.30 24.64
C SER D 421 11.51 14.33 24.16
N GLY D 422 12.79 14.05 24.39
CA GLY D 422 13.84 14.97 24.01
C GLY D 422 14.04 16.11 24.99
N LYS D 423 13.51 15.96 26.20
CA LYS D 423 13.58 17.04 27.18
C LYS D 423 14.50 16.77 28.36
N LEU D 424 15.09 17.86 28.85
CA LEU D 424 15.88 17.86 30.07
C LEU D 424 14.93 17.67 31.25
N VAL D 425 15.17 16.64 32.03
CA VAL D 425 14.29 16.30 33.14
C VAL D 425 14.85 16.75 34.49
N HIS D 426 16.17 16.62 34.66
CA HIS D 426 16.82 17.05 35.90
C HIS D 426 18.10 17.81 35.57
N ALA D 427 18.19 19.06 36.01
CA ALA D 427 19.38 19.87 35.78
C ALA D 427 20.10 20.22 37.08
N ASN D 428 19.47 19.91 38.21
CA ASN D 428 19.98 20.41 39.49
C ASN D 428 20.37 19.35 40.53
N ILE D 429 20.34 18.08 40.16
CA ILE D 429 20.56 17.00 41.13
C ILE D 429 21.93 17.07 41.81
N LEU D 430 22.99 17.28 41.05
CA LEU D 430 24.32 17.42 41.62
C LEU D 430 24.80 18.86 41.44
N LYS D 431 23.92 19.79 41.75
CA LYS D 431 24.17 21.22 41.59
C LYS D 431 25.42 21.68 42.33
N ASP D 432 25.68 21.11 43.50
CA ASP D 432 26.81 21.54 44.32
C ASP D 432 28.16 21.06 43.80
N ALA D 433 28.16 20.15 42.82
CA ALA D 433 29.41 19.68 42.21
C ALA D 433 30.04 20.74 41.31
N ASP D 434 31.37 20.76 41.27
CA ASP D 434 32.11 21.71 40.44
C ASP D 434 32.61 21.04 39.15
N GLN D 435 32.84 19.74 39.20
CA GLN D 435 33.23 18.96 38.03
C GLN D 435 32.59 17.58 38.12
N ILE D 436 32.23 17.02 36.96
CA ILE D 436 31.76 15.65 36.90
C ILE D 436 32.78 14.86 36.10
N TRP D 437 33.56 14.02 36.79
CA TRP D 437 34.67 13.32 36.15
C TRP D 437 34.20 12.11 35.36
N SER D 438 33.25 11.38 35.93
CA SER D 438 32.79 10.16 35.30
C SER D 438 31.38 9.84 35.77
N VAL D 439 30.55 9.41 34.84
CA VAL D 439 29.18 9.05 35.17
C VAL D 439 28.80 7.73 34.51
N ASN D 440 28.03 6.93 35.23
CA ASN D 440 27.63 5.62 34.75
C ASN D 440 26.32 5.26 35.43
N PHE D 441 25.37 4.68 34.69
CA PHE D 441 24.13 4.24 35.33
C PHE D 441 23.60 2.93 34.78
N LYS D 442 22.77 2.27 35.57
CA LYS D 442 22.05 1.09 35.13
C LYS D 442 20.82 0.88 36.00
N GLY D 443 19.66 0.75 35.37
CA GLY D 443 18.43 0.54 36.12
C GLY D 443 18.16 1.70 37.06
N LYS D 444 17.99 1.38 38.35
CA LYS D 444 17.67 2.38 39.36
C LYS D 444 18.88 3.19 39.83
N THR D 445 20.07 2.74 39.46
CA THR D 445 21.28 3.30 40.07
C THR D 445 22.11 4.16 39.13
N LEU D 446 22.39 5.38 39.57
CA LEU D 446 23.25 6.31 38.84
C LEU D 446 24.43 6.68 39.73
N VAL D 447 25.65 6.50 39.22
CA VAL D 447 26.83 6.83 40.00
C VAL D 447 27.67 7.88 39.28
N ALA D 448 28.36 8.70 40.07
CA ALA D 448 29.18 9.75 39.50
C ALA D 448 30.37 10.09 40.38
N ALA D 449 31.54 10.15 39.77
CA ALA D 449 32.73 10.66 40.45
C ALA D 449 32.77 12.16 40.20
N VAL D 450 32.82 12.94 41.27
CA VAL D 450 32.73 14.39 41.13
C VAL D 450 33.84 15.11 41.88
N GLU D 451 34.00 16.39 41.59
CA GLU D 451 34.85 17.25 42.40
C GLU D 451 33.97 18.29 43.07
N LYS D 452 34.25 18.54 44.35
CA LYS D 452 33.52 19.57 45.09
C LYS D 452 34.44 20.24 46.10
N ASP D 453 34.67 21.53 45.90
CA ASP D 453 35.51 22.33 46.78
C ASP D 453 36.88 21.70 47.00
N GLY D 454 37.57 21.42 45.89
CA GLY D 454 38.92 20.88 45.94
C GLY D 454 39.04 19.43 46.40
N GLN D 455 37.91 18.74 46.48
CA GLN D 455 37.92 17.33 46.89
C GLN D 455 37.08 16.45 45.97
N SER D 456 37.48 15.19 45.82
CA SER D 456 36.72 14.25 45.04
C SER D 456 35.76 13.44 45.90
N PHE D 457 34.60 13.13 45.34
CA PHE D 457 33.61 12.32 46.03
C PHE D 457 32.97 11.34 45.04
N LEU D 458 32.33 10.31 45.56
CA LEU D 458 31.53 9.43 44.73
C LEU D 458 30.06 9.66 45.10
N GLU D 459 29.26 10.00 44.10
CA GLU D 459 27.83 10.18 44.32
C GLU D 459 27.07 8.97 43.82
N ILE D 460 26.16 8.46 44.64
CA ILE D 460 25.27 7.39 44.23
C ILE D 460 23.82 7.86 44.32
N LEU D 461 23.12 7.85 43.19
CA LEU D 461 21.73 8.27 43.13
C LEU D 461 20.83 7.07 42.84
N ASP D 462 19.75 6.95 43.62
CA ASP D 462 18.88 5.79 43.55
C ASP D 462 17.47 6.23 43.16
N PHE D 463 17.01 5.78 41.99
CA PHE D 463 15.71 6.15 41.47
C PHE D 463 14.61 5.13 41.75
N SER D 464 14.84 4.22 42.71
CA SER D 464 13.81 3.24 43.03
C SER D 464 12.75 3.85 43.94
N PHE E 5 -27.80 33.95 -28.29
CA PHE E 5 -27.40 32.98 -27.27
C PHE E 5 -26.66 31.81 -27.89
N ASN E 6 -25.44 31.57 -27.44
CA ASN E 6 -24.59 30.51 -27.99
C ASN E 6 -24.75 29.15 -27.31
N GLY E 7 -25.69 29.07 -26.37
CA GLY E 7 -26.00 27.82 -25.69
C GLY E 7 -25.19 27.57 -24.43
N LEU E 8 -24.15 28.37 -24.22
CA LEU E 8 -23.25 28.16 -23.10
C LEU E 8 -23.31 29.32 -22.11
N THR E 9 -23.98 29.10 -20.98
CA THR E 9 -24.07 30.12 -19.94
C THR E 9 -22.69 30.40 -19.37
N SEP E 10 -22.43 31.67 -19.05
CA SEP E 10 -21.16 32.05 -18.44
CB SEP E 10 -20.30 32.79 -19.46
OG SEP E 10 -18.98 33.01 -18.95
C SEP E 10 -21.39 32.92 -17.21
O SEP E 10 -22.34 33.70 -17.16
P SEP E 10 -17.95 32.23 -19.90
O1P SEP E 10 -18.65 30.89 -20.49
O2P SEP E 10 -17.51 33.20 -21.09
O3P SEP E 10 -16.66 31.82 -19.02
N PRO E 11 -20.53 32.76 -16.20
CA PRO E 11 -20.55 33.66 -15.04
C PRO E 11 -20.39 35.10 -15.46
N GLN E 12 -20.84 36.03 -14.65
CA GLN E 12 -20.63 37.44 -14.97
C GLN E 12 -19.27 37.90 -14.48
N ARG E 13 -18.79 39.02 -15.02
CA ARG E 13 -17.51 39.60 -14.63
C ARG E 13 -17.47 39.90 -13.14
N SEP E 14 -16.29 39.77 -12.55
CA SEP E 14 -16.07 40.06 -11.14
CB SEP E 14 -14.83 39.33 -10.64
OG SEP E 14 -14.92 37.93 -10.87
C SEP E 14 -15.92 41.56 -10.92
O SEP E 14 -16.52 42.14 -10.01
P SEP E 14 -13.97 37.51 -12.11
O1P SEP E 14 -14.80 37.65 -13.47
O2P SEP E 14 -12.69 38.48 -12.15
O3P SEP E 14 -13.49 35.98 -11.92
#